data_7DCV
#
_entry.id   7DCV
#
_entity_poly.entity_id   1
_entity_poly.type   'polypeptide(L)'
_entity_poly.pdbx_seq_one_letter_code
;AHPPNERTHLVILGAILLALGVALTFIFRLRKGRLLDVKKSGIQDTNSKKQSDTHLEET
;
_entity_poly.pdbx_strand_id   A
#
# COMPACT_ATOMS: atom_id res chain seq x y z
N ALA A 1 26.61 19.08 37.50
CA ALA A 1 26.21 19.98 36.38
C ALA A 1 26.78 19.44 35.07
N HIS A 2 28.07 19.25 35.03
CA HIS A 2 28.75 18.72 33.80
C HIS A 2 28.40 19.64 32.60
N PRO A 3 29.09 20.76 32.42
CA PRO A 3 28.79 21.67 31.27
C PRO A 3 28.89 20.96 29.89
N PRO A 4 30.00 20.26 29.57
CA PRO A 4 30.09 19.56 28.24
C PRO A 4 29.13 18.38 28.13
N ASN A 5 27.97 18.63 27.57
CA ASN A 5 26.95 17.56 27.40
C ASN A 5 26.14 17.77 26.11
N GLU A 6 26.75 18.39 25.12
CA GLU A 6 26.04 18.64 23.82
C GLU A 6 26.05 17.38 22.95
N ARG A 7 26.97 16.46 23.21
CA ARG A 7 27.06 15.21 22.41
C ARG A 7 25.84 14.32 22.69
N THR A 8 25.35 14.31 23.92
CA THR A 8 24.16 13.46 24.26
C THR A 8 22.95 13.92 23.44
N HIS A 9 22.82 15.22 23.27
CA HIS A 9 21.68 15.77 22.49
C HIS A 9 21.72 15.25 21.05
N LEU A 10 22.91 15.12 20.49
CA LEU A 10 23.02 14.63 19.08
C LEU A 10 22.63 13.15 19.00
N VAL A 11 23.06 12.36 19.96
CA VAL A 11 22.75 10.90 19.96
C VAL A 11 21.24 10.68 20.24
N ILE A 12 20.70 11.42 21.19
CA ILE A 12 19.25 11.28 21.53
C ILE A 12 18.39 11.76 20.36
N LEU A 13 18.69 12.91 19.82
CA LEU A 13 17.89 13.46 18.67
C LEU A 13 18.06 12.55 17.44
N GLY A 14 19.25 12.03 17.26
CA GLY A 14 19.53 11.14 16.09
C GLY A 14 18.60 9.92 16.10
N ALA A 15 18.63 9.18 17.20
CA ALA A 15 17.78 7.94 17.31
C ALA A 15 16.30 8.31 17.22
N ILE A 16 15.92 9.38 17.87
CA ILE A 16 14.50 9.82 17.86
C ILE A 16 14.08 10.18 16.42
N LEU A 17 14.95 10.86 15.71
CA LEU A 17 14.62 11.28 14.31
C LEU A 17 14.47 10.04 13.41
N LEU A 18 15.41 9.12 13.49
CA LEU A 18 15.35 7.89 12.64
C LEU A 18 14.16 7.02 13.05
N ALA A 19 13.93 6.90 14.34
CA ALA A 19 12.80 6.05 14.84
C ALA A 19 11.48 6.51 14.20
N LEU A 20 11.29 7.81 14.09
CA LEU A 20 10.03 8.34 13.44
C LEU A 20 9.97 7.81 12.01
N GLY A 21 11.09 7.83 11.33
CA GLY A 21 11.14 7.36 9.91
C GLY A 21 10.68 5.90 9.82
N VAL A 22 11.06 5.09 10.80
CA VAL A 22 10.67 3.63 10.78
C VAL A 22 9.14 3.52 10.87
N ALA A 23 8.53 4.32 11.72
CA ALA A 23 7.04 4.25 11.88
C ALA A 23 6.36 4.65 10.58
N LEU A 24 6.79 5.75 9.99
CA LEU A 24 6.18 6.24 8.71
C LEU A 24 6.43 5.22 7.59
N THR A 25 7.65 4.75 7.51
CA THR A 25 8.02 3.76 6.45
C THR A 25 7.24 2.46 6.66
N PHE A 26 7.09 2.05 7.90
CA PHE A 26 6.36 0.79 8.21
C PHE A 26 4.93 0.89 7.68
N ILE A 27 4.25 1.96 8.00
CA ILE A 27 2.83 2.15 7.52
C ILE A 27 2.81 2.38 6.01
N PHE A 28 3.77 3.13 5.51
CA PHE A 28 3.82 3.45 4.05
C PHE A 28 3.94 2.16 3.23
N ARG A 29 4.75 1.23 3.70
CA ARG A 29 4.95 -0.06 2.95
C ARG A 29 3.64 -0.86 2.97
N LEU A 30 3.05 -1.01 4.14
CA LEU A 30 1.77 -1.77 4.25
C LEU A 30 0.65 -1.03 3.51
N ARG A 31 0.72 0.28 3.50
CA ARG A 31 -0.32 1.11 2.82
C ARG A 31 -0.46 0.67 1.37
N LYS A 32 0.64 0.35 0.74
CA LYS A 32 0.62 -0.11 -0.68
C LYS A 32 -0.10 -1.44 -0.76
N GLY A 33 -1.01 -1.52 -1.69
CA GLY A 33 -1.81 -2.77 -1.88
C GLY A 33 -3.26 -2.52 -1.45
N ARG A 34 -3.41 -1.84 -0.33
CA ARG A 34 -4.77 -1.51 0.19
C ARG A 34 -5.54 -0.72 -0.86
N LEU A 35 -4.87 0.25 -1.47
CA LEU A 35 -5.51 1.09 -2.52
C LEU A 35 -5.17 0.55 -3.91
N LEU A 36 -3.97 0.03 -4.06
CA LEU A 36 -3.53 -0.54 -5.38
C LEU A 36 -4.51 -1.62 -5.79
N ASP A 37 -5.47 -1.27 -6.62
CA ASP A 37 -6.50 -2.24 -7.08
C ASP A 37 -7.18 -2.87 -5.88
N VAL A 38 -8.21 -2.21 -5.40
CA VAL A 38 -8.98 -2.71 -4.22
C VAL A 38 -9.55 -4.10 -4.53
N LYS A 39 -10.15 -4.24 -5.69
CA LYS A 39 -10.74 -5.54 -6.12
C LYS A 39 -11.34 -5.41 -7.52
N LYS A 40 -11.89 -4.25 -7.82
CA LYS A 40 -12.51 -4.00 -9.15
C LYS A 40 -13.60 -5.03 -9.41
N SER A 41 -14.83 -4.63 -9.19
CA SER A 41 -15.99 -5.57 -9.41
C SER A 41 -17.04 -4.85 -10.26
N GLY A 42 -17.71 -5.60 -11.12
CA GLY A 42 -18.76 -5.01 -11.99
C GLY A 42 -19.66 -6.12 -12.52
N ILE A 43 -20.48 -6.67 -11.65
CA ILE A 43 -21.41 -7.76 -12.06
C ILE A 43 -22.49 -7.18 -13.00
N GLN A 44 -22.99 -6.00 -12.66
CA GLN A 44 -24.03 -5.34 -13.50
C GLN A 44 -23.37 -4.25 -14.35
N ASP A 45 -22.32 -4.62 -15.04
CA ASP A 45 -21.58 -3.65 -15.92
C ASP A 45 -21.60 -4.16 -17.36
N THR A 46 -22.71 -4.71 -17.77
CA THR A 46 -22.84 -5.24 -19.16
C THR A 46 -24.18 -4.80 -19.74
N ASN A 47 -24.31 -4.87 -21.05
CA ASN A 47 -25.59 -4.46 -21.72
C ASN A 47 -26.69 -5.45 -21.34
N SER A 48 -27.90 -4.95 -21.25
CA SER A 48 -29.06 -5.82 -20.88
C SER A 48 -29.56 -6.54 -22.12
N LYS A 49 -30.13 -7.72 -21.92
CA LYS A 49 -30.66 -8.52 -23.07
C LYS A 49 -31.40 -9.75 -22.53
N LYS A 50 -32.66 -9.56 -22.20
CA LYS A 50 -33.48 -10.69 -21.67
C LYS A 50 -34.26 -11.35 -22.82
N GLN A 51 -33.60 -11.50 -23.94
CA GLN A 51 -34.24 -12.14 -25.14
C GLN A 51 -33.37 -13.29 -25.62
N SER A 52 -33.97 -14.24 -26.29
CA SER A 52 -33.22 -15.42 -26.82
C SER A 52 -32.14 -14.93 -27.78
N ASP A 53 -31.02 -15.62 -27.81
CA ASP A 53 -29.90 -15.23 -28.72
C ASP A 53 -30.37 -15.35 -30.16
N THR A 54 -31.05 -16.42 -30.47
CA THR A 54 -31.57 -16.63 -31.86
C THR A 54 -32.91 -17.35 -31.81
N HIS A 55 -33.63 -17.32 -32.90
CA HIS A 55 -34.97 -17.99 -32.95
C HIS A 55 -34.92 -19.14 -33.96
N LEU A 56 -35.76 -20.13 -33.74
CA LEU A 56 -35.81 -21.32 -34.64
C LEU A 56 -36.55 -20.94 -35.92
N GLU A 57 -37.65 -20.24 -35.78
CA GLU A 57 -38.45 -19.81 -36.96
C GLU A 57 -38.94 -18.39 -36.74
N GLU A 58 -39.43 -18.11 -35.55
CA GLU A 58 -39.95 -16.74 -35.23
C GLU A 58 -39.66 -16.44 -33.76
N THR A 59 -40.13 -17.29 -32.88
CA THR A 59 -39.92 -17.10 -31.42
C THR A 59 -38.46 -17.38 -31.08
N ALA A 1 34.27 24.55 34.00
CA ALA A 1 34.23 23.85 35.31
C ALA A 1 33.80 22.41 35.11
N HIS A 2 32.77 22.21 34.31
CA HIS A 2 32.26 20.84 34.03
C HIS A 2 32.35 20.56 32.52
N PRO A 3 32.42 19.29 32.09
CA PRO A 3 32.52 18.99 30.62
C PRO A 3 31.20 19.31 29.87
N PRO A 4 31.23 19.56 28.55
CA PRO A 4 29.98 19.86 27.80
C PRO A 4 29.09 18.63 27.62
N ASN A 5 27.79 18.84 27.58
CA ASN A 5 26.84 17.70 27.40
C ASN A 5 25.93 17.97 26.20
N GLU A 6 26.42 18.71 25.21
CA GLU A 6 25.61 19.02 24.00
C GLU A 6 25.65 17.85 23.00
N ARG A 7 26.68 17.02 23.09
CA ARG A 7 26.81 15.86 22.16
C ARG A 7 25.75 14.79 22.48
N THR A 8 25.37 14.65 23.74
CA THR A 8 24.34 13.62 24.11
C THR A 8 23.02 13.98 23.43
N HIS A 9 22.71 15.25 23.39
CA HIS A 9 21.44 15.71 22.73
C HIS A 9 21.45 15.31 21.26
N LEU A 10 22.62 15.38 20.64
CA LEU A 10 22.74 15.02 19.19
C LEU A 10 22.48 13.52 18.99
N VAL A 11 23.05 12.70 19.86
CA VAL A 11 22.86 11.21 19.74
C VAL A 11 21.42 10.83 20.08
N ILE A 12 20.88 11.40 21.14
CA ILE A 12 19.48 11.07 21.56
C ILE A 12 18.51 11.50 20.45
N LEU A 13 18.68 12.70 19.93
CA LEU A 13 17.78 13.18 18.84
C LEU A 13 17.95 12.29 17.61
N GLY A 14 19.17 11.86 17.35
CA GLY A 14 19.44 10.99 16.17
C GLY A 14 18.60 9.73 16.25
N ALA A 15 18.86 8.89 17.24
CA ALA A 15 18.10 7.60 17.40
C ALA A 15 16.60 7.86 17.34
N ILE A 16 16.14 8.87 18.04
CA ILE A 16 14.68 9.20 18.03
C ILE A 16 14.27 9.54 16.59
N LEU A 17 15.12 10.25 15.89
CA LEU A 17 14.82 10.61 14.47
C LEU A 17 14.70 9.34 13.63
N LEU A 18 15.56 8.37 13.88
CA LEU A 18 15.52 7.09 13.09
C LEU A 18 14.17 6.42 13.27
N ALA A 19 13.80 6.20 14.52
CA ALA A 19 12.49 5.54 14.82
C ALA A 19 11.35 6.26 14.11
N LEU A 20 11.43 7.58 14.04
CA LEU A 20 10.37 8.39 13.34
C LEU A 20 10.35 8.02 11.85
N GLY A 21 11.51 7.86 11.27
CA GLY A 21 11.60 7.51 9.81
C GLY A 21 11.13 6.07 9.58
N VAL A 22 11.59 5.15 10.40
CA VAL A 22 11.18 3.71 10.24
C VAL A 22 9.66 3.62 10.40
N ALA A 23 9.11 4.35 11.34
CA ALA A 23 7.63 4.33 11.56
C ALA A 23 6.92 4.84 10.30
N LEU A 24 7.50 5.84 9.67
CA LEU A 24 6.89 6.42 8.43
C LEU A 24 6.82 5.31 7.36
N THR A 25 7.89 4.57 7.23
CA THR A 25 7.93 3.46 6.23
C THR A 25 6.87 2.43 6.57
N PHE A 26 6.70 2.17 7.85
CA PHE A 26 5.68 1.17 8.30
C PHE A 26 4.30 1.61 7.81
N ILE A 27 4.00 2.88 7.94
CA ILE A 27 2.67 3.40 7.48
C ILE A 27 2.57 3.23 5.97
N PHE A 28 3.62 3.58 5.26
CA PHE A 28 3.61 3.46 3.77
C PHE A 28 3.38 2.01 3.36
N ARG A 29 4.02 1.09 4.03
CA ARG A 29 3.86 -0.36 3.70
C ARG A 29 2.45 -0.82 4.08
N LEU A 30 2.04 -0.50 5.29
CA LEU A 30 0.68 -0.90 5.76
C LEU A 30 -0.42 -0.14 5.00
N ARG A 31 -0.06 0.98 4.40
CA ARG A 31 -1.04 1.80 3.64
C ARG A 31 -1.81 0.93 2.65
N LYS A 32 -1.13 0.00 2.03
CA LYS A 32 -1.78 -0.92 1.05
C LYS A 32 -2.87 -1.73 1.76
N GLY A 33 -2.61 -2.14 2.98
CA GLY A 33 -3.61 -2.92 3.77
C GLY A 33 -4.88 -2.09 3.97
N ARG A 34 -4.71 -0.79 4.17
CA ARG A 34 -5.89 0.11 4.37
C ARG A 34 -6.80 0.01 3.15
N LEU A 35 -6.21 0.06 1.98
CA LEU A 35 -7.01 -0.04 0.72
C LEU A 35 -7.72 -1.39 0.67
N LEU A 36 -7.04 -2.43 1.12
CA LEU A 36 -7.64 -3.80 1.12
C LEU A 36 -8.88 -3.80 2.01
N ASP A 37 -10.02 -3.54 1.42
CA ASP A 37 -11.31 -3.51 2.19
C ASP A 37 -12.46 -3.24 1.21
N VAL A 38 -12.39 -2.11 0.54
CA VAL A 38 -13.48 -1.73 -0.44
C VAL A 38 -13.47 -2.73 -1.60
N LYS A 39 -14.64 -3.28 -1.88
CA LYS A 39 -14.76 -4.26 -3.00
C LYS A 39 -15.27 -3.56 -4.25
N LYS A 40 -16.30 -2.77 -4.09
CA LYS A 40 -16.90 -2.01 -5.24
C LYS A 40 -17.48 -3.00 -6.25
N SER A 41 -18.57 -2.62 -6.88
CA SER A 41 -19.22 -3.50 -7.89
C SER A 41 -18.80 -3.08 -9.28
N GLY A 42 -18.79 -1.78 -9.53
CA GLY A 42 -18.40 -1.24 -10.86
C GLY A 42 -19.38 -0.17 -11.29
N ILE A 43 -19.26 1.01 -10.72
CA ILE A 43 -20.18 2.13 -11.06
C ILE A 43 -19.38 3.20 -11.81
N GLN A 44 -19.04 2.91 -13.05
CA GLN A 44 -18.26 3.87 -13.88
C GLN A 44 -19.21 4.82 -14.59
N ASP A 45 -20.09 4.28 -15.41
CA ASP A 45 -21.07 5.11 -16.15
C ASP A 45 -22.08 4.21 -16.87
N THR A 46 -22.48 3.15 -16.20
CA THR A 46 -23.48 2.18 -16.79
C THR A 46 -22.89 1.60 -18.08
N ASN A 47 -23.50 0.52 -18.55
CA ASN A 47 -23.01 -0.14 -19.80
C ASN A 47 -23.10 0.85 -20.96
N SER A 48 -21.96 1.33 -21.40
CA SER A 48 -21.92 2.31 -22.53
C SER A 48 -22.54 1.68 -23.77
N LYS A 49 -22.28 0.41 -23.99
CA LYS A 49 -22.83 -0.30 -25.19
C LYS A 49 -24.22 -0.84 -24.84
N LYS A 50 -25.07 -0.94 -25.84
CA LYS A 50 -26.46 -1.48 -25.62
C LYS A 50 -26.77 -2.53 -26.68
N GLN A 51 -27.79 -3.31 -26.43
CA GLN A 51 -28.19 -4.38 -27.39
C GLN A 51 -28.63 -3.74 -28.70
N SER A 52 -28.06 -4.20 -29.80
CA SER A 52 -28.43 -3.63 -31.13
C SER A 52 -29.93 -3.79 -31.37
N ASP A 53 -30.43 -4.98 -31.14
CA ASP A 53 -31.89 -5.26 -31.33
C ASP A 53 -32.33 -4.81 -32.72
N THR A 54 -32.25 -5.70 -33.68
CA THR A 54 -32.65 -5.37 -35.08
C THR A 54 -33.89 -6.17 -35.45
N HIS A 55 -33.76 -7.49 -35.46
CA HIS A 55 -34.91 -8.38 -35.82
C HIS A 55 -35.53 -7.93 -37.14
N LEU A 56 -35.05 -8.49 -38.23
CA LEU A 56 -35.57 -8.12 -39.58
C LEU A 56 -35.54 -9.34 -40.49
N GLU A 57 -36.71 -9.78 -40.92
CA GLU A 57 -36.82 -10.98 -41.82
C GLU A 57 -36.29 -12.23 -41.09
N GLU A 58 -34.98 -12.43 -41.10
CA GLU A 58 -34.38 -13.63 -40.42
C GLU A 58 -33.17 -13.22 -39.56
N THR A 59 -32.57 -12.08 -39.87
CA THR A 59 -31.40 -11.60 -39.09
C THR A 59 -31.21 -10.10 -39.32
N ALA A 1 38.60 22.26 21.49
CA ALA A 1 39.17 22.63 22.81
C ALA A 1 38.07 22.56 23.87
N HIS A 2 37.96 21.41 24.50
CA HIS A 2 36.92 21.22 25.57
C HIS A 2 35.52 21.55 24.99
N PRO A 3 34.92 20.67 24.18
CA PRO A 3 33.58 20.94 23.59
C PRO A 3 32.46 20.93 24.67
N PRO A 4 31.30 21.57 24.42
CA PRO A 4 30.20 21.56 25.43
C PRO A 4 29.60 20.17 25.63
N ASN A 5 28.50 20.10 26.36
CA ASN A 5 27.84 18.77 26.61
C ASN A 5 26.59 18.64 25.73
N GLU A 6 26.58 19.34 24.60
CA GLU A 6 25.42 19.29 23.67
C GLU A 6 25.47 18.03 22.78
N ARG A 7 26.60 17.33 22.77
CA ARG A 7 26.73 16.10 21.93
C ARG A 7 25.64 15.09 22.31
N THR A 8 25.23 15.06 23.58
CA THR A 8 24.17 14.10 24.00
C THR A 8 22.88 14.39 23.24
N HIS A 9 22.56 15.65 23.06
CA HIS A 9 21.31 16.03 22.34
C HIS A 9 21.24 15.38 20.98
N LEU A 10 22.36 15.31 20.30
CA LEU A 10 22.37 14.70 18.92
C LEU A 10 22.24 13.17 19.00
N VAL A 11 22.87 12.56 19.99
CA VAL A 11 22.82 11.07 20.10
C VAL A 11 21.43 10.61 20.53
N ILE A 12 20.82 11.26 21.50
CA ILE A 12 19.46 10.82 21.98
C ILE A 12 18.39 11.17 20.95
N LEU A 13 18.40 12.39 20.45
CA LEU A 13 17.38 12.81 19.44
C LEU A 13 17.57 12.02 18.15
N GLY A 14 18.80 11.72 17.80
CA GLY A 14 19.09 10.97 16.55
C GLY A 14 18.51 9.56 16.65
N ALA A 15 18.78 8.89 17.75
CA ALA A 15 18.25 7.50 17.97
C ALA A 15 16.74 7.51 17.78
N ILE A 16 16.08 8.46 18.42
CA ILE A 16 14.59 8.59 18.31
C ILE A 16 14.25 8.92 16.85
N LEU A 17 15.06 9.75 16.21
CA LEU A 17 14.81 10.15 14.79
C LEU A 17 14.83 8.91 13.88
N LEU A 18 15.77 8.01 14.11
CA LEU A 18 15.87 6.79 13.26
C LEU A 18 14.59 5.97 13.40
N ALA A 19 14.20 5.70 14.62
CA ALA A 19 12.95 4.93 14.85
C ALA A 19 11.75 5.68 14.22
N LEU A 20 11.84 7.00 14.19
CA LEU A 20 10.76 7.83 13.57
C LEU A 20 10.64 7.48 12.08
N GLY A 21 11.77 7.27 11.43
CA GLY A 21 11.76 6.93 9.97
C GLY A 21 11.10 5.56 9.75
N VAL A 22 11.44 4.61 10.59
CA VAL A 22 10.85 3.23 10.45
C VAL A 22 9.33 3.31 10.54
N ALA A 23 8.82 4.12 11.45
CA ALA A 23 7.34 4.25 11.61
C ALA A 23 6.74 4.87 10.35
N LEU A 24 7.39 5.87 9.80
CA LEU A 24 6.87 6.54 8.57
C LEU A 24 6.83 5.55 7.43
N THR A 25 7.91 4.82 7.27
CA THR A 25 8.00 3.80 6.17
C THR A 25 6.91 2.75 6.37
N PHE A 26 6.66 2.37 7.60
CA PHE A 26 5.62 1.36 7.90
C PHE A 26 4.26 1.85 7.38
N ILE A 27 3.96 3.11 7.63
CA ILE A 27 2.65 3.68 7.16
C ILE A 27 2.64 3.76 5.62
N PHE A 28 3.76 4.12 5.03
CA PHE A 28 3.82 4.23 3.53
C PHE A 28 3.46 2.89 2.90
N ARG A 29 3.97 1.82 3.47
CA ARG A 29 3.68 0.45 2.93
C ARG A 29 2.17 0.23 2.84
N LEU A 30 1.49 0.40 3.94
CA LEU A 30 0.00 0.21 3.97
C LEU A 30 -0.68 1.30 3.14
N ARG A 31 -0.11 2.48 3.13
CA ARG A 31 -0.70 3.62 2.36
C ARG A 31 -0.86 3.24 0.90
N LYS A 32 0.12 2.53 0.37
CA LYS A 32 0.06 2.10 -1.07
C LYS A 32 0.75 0.75 -1.23
N GLY A 33 0.07 -0.17 -1.87
CA GLY A 33 0.65 -1.54 -2.08
C GLY A 33 -0.33 -2.37 -2.90
N ARG A 34 -1.17 -3.12 -2.22
CA ARG A 34 -2.18 -3.97 -2.93
C ARG A 34 -3.08 -3.07 -3.78
N LEU A 35 -3.49 -1.96 -3.21
CA LEU A 35 -4.37 -0.99 -3.95
C LEU A 35 -3.64 -0.46 -5.18
N LEU A 36 -2.32 -0.38 -5.12
CA LEU A 36 -1.49 0.14 -6.26
C LEU A 36 -2.02 -0.33 -7.62
N ASP A 37 -2.62 -1.52 -7.69
CA ASP A 37 -3.17 -2.03 -8.98
C ASP A 37 -4.12 -3.18 -8.68
N VAL A 38 -5.39 -2.86 -8.63
CA VAL A 38 -6.44 -3.90 -8.34
C VAL A 38 -7.27 -4.16 -9.60
N LYS A 39 -7.31 -3.20 -10.52
CA LYS A 39 -8.09 -3.37 -11.78
C LYS A 39 -9.58 -3.49 -11.42
N LYS A 40 -10.45 -3.17 -12.36
CA LYS A 40 -11.91 -3.26 -12.09
C LYS A 40 -12.43 -4.69 -12.29
N SER A 41 -11.55 -5.62 -12.64
CA SER A 41 -11.97 -7.04 -12.84
C SER A 41 -13.15 -7.11 -13.82
N GLY A 42 -13.13 -6.24 -14.82
CA GLY A 42 -14.23 -6.22 -15.83
C GLY A 42 -14.85 -4.83 -15.88
N ILE A 43 -14.69 -4.16 -17.00
CA ILE A 43 -15.26 -2.79 -17.16
C ILE A 43 -16.78 -2.87 -17.00
N GLN A 44 -17.38 -3.83 -17.69
CA GLN A 44 -18.87 -4.01 -17.61
C GLN A 44 -19.25 -5.30 -18.31
N ASP A 45 -18.92 -5.41 -19.58
CA ASP A 45 -19.24 -6.63 -20.37
C ASP A 45 -17.94 -7.33 -20.78
N THR A 46 -17.81 -8.57 -20.39
CA THR A 46 -16.58 -9.35 -20.72
C THR A 46 -16.74 -10.00 -22.10
N ASN A 47 -17.92 -10.51 -22.38
CA ASN A 47 -18.17 -11.17 -23.70
C ASN A 47 -18.52 -10.10 -24.73
N SER A 48 -17.50 -9.62 -25.43
CA SER A 48 -17.71 -8.57 -26.46
C SER A 48 -16.72 -8.79 -27.62
N LYS A 49 -16.50 -10.05 -27.96
CA LYS A 49 -15.56 -10.39 -29.07
C LYS A 49 -16.35 -10.99 -30.22
N LYS A 50 -16.14 -10.45 -31.41
CA LYS A 50 -16.86 -10.95 -32.62
C LYS A 50 -15.84 -11.46 -33.63
N GLN A 51 -15.77 -12.77 -33.78
CA GLN A 51 -14.81 -13.38 -34.75
C GLN A 51 -15.54 -13.81 -36.01
N SER A 52 -16.74 -14.33 -35.85
CA SER A 52 -17.55 -14.80 -37.02
C SER A 52 -19.03 -14.62 -36.71
N ASP A 53 -19.43 -15.02 -35.51
CA ASP A 53 -20.86 -14.89 -35.10
C ASP A 53 -21.74 -15.63 -36.10
N THR A 54 -23.04 -15.66 -35.84
CA THR A 54 -23.99 -16.36 -36.76
C THR A 54 -25.25 -15.52 -36.91
N HIS A 55 -25.87 -15.60 -38.07
CA HIS A 55 -27.12 -14.82 -38.33
C HIS A 55 -28.17 -15.76 -38.93
N LEU A 56 -27.75 -16.61 -39.84
CA LEU A 56 -28.69 -17.57 -40.49
C LEU A 56 -29.11 -18.63 -39.48
N GLU A 57 -30.28 -19.21 -39.71
CA GLU A 57 -30.79 -20.26 -38.78
C GLU A 57 -29.80 -21.42 -38.73
N GLU A 58 -29.26 -21.78 -39.87
CA GLU A 58 -28.28 -22.91 -39.94
C GLU A 58 -28.92 -24.17 -39.35
N THR A 59 -29.43 -25.02 -40.23
CA THR A 59 -30.08 -26.28 -39.78
C THR A 59 -29.44 -27.48 -40.49
N ALA A 1 24.06 27.63 24.57
CA ALA A 1 24.85 26.39 24.34
C ALA A 1 26.34 26.74 24.36
N HIS A 2 27.11 25.95 25.07
CA HIS A 2 28.58 26.18 25.16
C HIS A 2 29.23 25.04 25.98
N PRO A 3 28.82 24.78 27.24
CA PRO A 3 29.45 23.67 28.02
C PRO A 3 29.34 22.31 27.29
N PRO A 4 30.19 21.32 27.60
CA PRO A 4 30.11 20.00 26.92
C PRO A 4 28.91 19.18 27.38
N ASN A 5 27.75 19.50 26.85
CA ASN A 5 26.49 18.78 27.23
C ASN A 5 25.52 18.67 26.04
N GLU A 6 25.81 19.34 24.93
CA GLU A 6 24.90 19.26 23.74
C GLU A 6 25.16 17.99 22.92
N ARG A 7 26.25 17.29 23.19
CA ARG A 7 26.56 16.04 22.42
C ARG A 7 25.52 14.96 22.75
N THR A 8 25.04 14.89 23.98
CA THR A 8 24.02 13.85 24.35
C THR A 8 22.74 14.11 23.55
N HIS A 9 22.39 15.38 23.39
CA HIS A 9 21.16 15.74 22.62
C HIS A 9 21.29 15.26 21.17
N LEU A 10 22.50 15.30 20.64
CA LEU A 10 22.71 14.87 19.23
C LEU A 10 22.57 13.35 19.10
N VAL A 11 23.12 12.62 20.05
CA VAL A 11 23.03 11.11 20.00
C VAL A 11 21.59 10.66 20.29
N ILE A 12 20.95 11.27 21.27
CA ILE A 12 19.56 10.87 21.65
C ILE A 12 18.60 11.23 20.50
N LEU A 13 18.72 12.43 19.96
CA LEU A 13 17.80 12.84 18.85
C LEU A 13 18.09 12.04 17.57
N GLY A 14 19.34 11.67 17.37
CA GLY A 14 19.71 10.88 16.16
C GLY A 14 19.03 9.52 16.19
N ALA A 15 19.20 8.79 17.28
CA ALA A 15 18.58 7.44 17.40
C ALA A 15 17.07 7.54 17.29
N ILE A 16 16.51 8.55 17.93
CA ILE A 16 15.02 8.74 17.90
C ILE A 16 14.59 9.04 16.46
N LEU A 17 15.34 9.87 15.77
CA LEU A 17 15.00 10.23 14.36
C LEU A 17 15.03 8.97 13.47
N LEU A 18 16.03 8.12 13.66
CA LEU A 18 16.12 6.87 12.83
C LEU A 18 14.86 6.04 13.06
N ALA A 19 14.54 5.77 14.30
CA ALA A 19 13.31 4.99 14.61
C ALA A 19 12.08 5.70 14.01
N LEU A 20 12.12 7.02 13.97
CA LEU A 20 11.01 7.82 13.38
C LEU A 20 10.85 7.46 11.90
N GLY A 21 11.97 7.30 11.22
CA GLY A 21 11.94 6.95 9.76
C GLY A 21 11.25 5.59 9.56
N VAL A 22 11.57 4.65 10.42
CA VAL A 22 10.95 3.28 10.31
C VAL A 22 9.43 3.41 10.45
N ALA A 23 8.99 4.23 11.39
CA ALA A 23 7.52 4.41 11.62
C ALA A 23 6.88 5.01 10.36
N LEU A 24 7.56 5.92 9.71
CA LEU A 24 7.02 6.56 8.47
C LEU A 24 6.82 5.50 7.41
N THR A 25 7.81 4.64 7.26
CA THR A 25 7.74 3.55 6.25
C THR A 25 6.56 2.63 6.57
N PHE A 26 6.35 2.37 7.84
CA PHE A 26 5.22 1.49 8.26
C PHE A 26 3.91 2.09 7.80
N ILE A 27 3.75 3.38 7.97
CA ILE A 27 2.50 4.08 7.54
C ILE A 27 2.35 3.96 6.02
N PHE A 28 3.45 4.15 5.31
CA PHE A 28 3.40 4.04 3.82
C PHE A 28 2.97 2.63 3.43
N ARG A 29 3.49 1.64 4.11
CA ARG A 29 3.13 0.22 3.82
C ARG A 29 1.63 0.02 4.06
N LEU A 30 1.09 0.65 5.08
CA LEU A 30 -0.36 0.52 5.39
C LEU A 30 -1.19 0.90 4.16
N ARG A 31 -0.82 1.97 3.52
CA ARG A 31 -1.56 2.43 2.30
C ARG A 31 -0.91 1.88 1.01
N LYS A 32 -0.01 0.92 1.15
CA LYS A 32 0.65 0.33 -0.05
C LYS A 32 0.04 -1.05 -0.35
N GLY A 33 -1.27 -1.11 -0.23
CA GLY A 33 -2.00 -2.39 -0.50
C GLY A 33 -2.58 -2.43 -1.92
N ARG A 34 -2.24 -1.44 -2.74
CA ARG A 34 -2.77 -1.40 -4.14
C ARG A 34 -2.11 -2.49 -4.97
N LEU A 35 -0.82 -2.69 -4.77
CA LEU A 35 -0.08 -3.74 -5.56
C LEU A 35 -0.09 -5.08 -4.81
N LEU A 36 -0.50 -5.09 -3.55
CA LEU A 36 -0.54 -6.35 -2.76
C LEU A 36 -1.70 -7.21 -3.26
N ASP A 37 -1.55 -7.76 -4.45
CA ASP A 37 -2.62 -8.61 -5.06
C ASP A 37 -3.90 -7.80 -5.14
N VAL A 38 -4.15 -7.25 -6.30
CA VAL A 38 -5.39 -6.43 -6.52
C VAL A 38 -6.06 -6.90 -7.82
N LYS A 39 -7.36 -6.72 -7.89
CA LYS A 39 -8.12 -7.13 -9.11
C LYS A 39 -8.35 -5.91 -9.99
N LYS A 40 -8.01 -6.03 -11.26
CA LYS A 40 -8.18 -4.89 -12.21
C LYS A 40 -8.76 -5.42 -13.53
N SER A 41 -9.46 -4.55 -14.24
CA SER A 41 -10.07 -4.96 -15.55
C SER A 41 -10.99 -6.15 -15.33
N GLY A 42 -12.26 -5.86 -15.09
CA GLY A 42 -13.27 -6.95 -14.87
C GLY A 42 -14.66 -6.36 -15.02
N ILE A 43 -15.37 -6.28 -13.91
CA ILE A 43 -16.76 -5.72 -13.93
C ILE A 43 -17.61 -6.53 -14.91
N GLN A 44 -18.33 -7.51 -14.41
CA GLN A 44 -19.19 -8.35 -15.28
C GLN A 44 -20.56 -8.52 -14.63
N ASP A 45 -21.60 -8.16 -15.35
CA ASP A 45 -22.99 -8.29 -14.81
C ASP A 45 -23.89 -8.92 -15.85
N THR A 46 -23.72 -8.52 -17.09
CA THR A 46 -24.56 -9.07 -18.21
C THR A 46 -23.77 -10.16 -18.93
N ASN A 47 -24.33 -11.35 -18.98
CA ASN A 47 -23.67 -12.49 -19.68
C ASN A 47 -24.59 -13.02 -20.77
N SER A 48 -25.77 -13.44 -20.38
CA SER A 48 -26.77 -13.97 -21.35
C SER A 48 -28.17 -13.76 -20.81
N LYS A 49 -29.11 -13.52 -21.69
CA LYS A 49 -30.53 -13.29 -21.27
C LYS A 49 -31.44 -13.24 -22.49
N LYS A 50 -32.73 -13.34 -22.26
CA LYS A 50 -33.73 -13.31 -23.39
C LYS A 50 -33.59 -14.54 -24.29
N GLN A 51 -32.74 -15.48 -23.91
CA GLN A 51 -32.54 -16.73 -24.72
C GLN A 51 -32.00 -16.37 -26.11
N SER A 52 -31.30 -17.29 -26.72
CA SER A 52 -30.72 -17.05 -28.07
C SER A 52 -31.73 -17.48 -29.13
N ASP A 53 -31.72 -16.81 -30.26
CA ASP A 53 -32.66 -17.15 -31.36
C ASP A 53 -32.06 -18.28 -32.22
N THR A 54 -32.14 -19.49 -31.70
CA THR A 54 -31.60 -20.67 -32.44
C THR A 54 -32.68 -21.74 -32.55
N HIS A 55 -33.10 -22.00 -33.77
CA HIS A 55 -34.16 -23.03 -34.00
C HIS A 55 -33.84 -23.80 -35.30
N LEU A 56 -32.81 -24.61 -35.24
CA LEU A 56 -32.41 -25.41 -36.44
C LEU A 56 -33.06 -26.78 -36.37
N GLU A 57 -33.51 -27.26 -37.50
CA GLU A 57 -34.17 -28.60 -37.57
C GLU A 57 -33.15 -29.69 -37.28
N GLU A 58 -33.63 -30.80 -36.73
CA GLU A 58 -32.74 -31.97 -36.39
C GLU A 58 -31.74 -31.54 -35.30
N THR A 59 -30.68 -30.85 -35.66
CA THR A 59 -29.66 -30.41 -34.66
C THR A 59 -29.15 -31.62 -33.89
N ALA A 1 36.05 21.69 29.72
CA ALA A 1 35.76 22.08 28.31
C ALA A 1 34.70 23.18 28.30
N HIS A 2 34.39 23.67 27.12
CA HIS A 2 33.35 24.75 26.99
C HIS A 2 31.94 24.12 26.91
N PRO A 3 31.67 23.14 26.02
CA PRO A 3 30.30 22.54 25.94
C PRO A 3 29.99 21.66 27.17
N PRO A 4 28.86 21.85 27.89
CA PRO A 4 28.57 20.99 29.09
C PRO A 4 28.24 19.55 28.69
N ASN A 5 27.22 19.39 27.87
CA ASN A 5 26.80 18.02 27.43
C ASN A 5 25.82 18.13 26.26
N GLU A 6 26.01 19.12 25.40
CA GLU A 6 25.09 19.30 24.23
C GLU A 6 25.28 18.16 23.21
N ARG A 7 26.39 17.46 23.30
CA ARG A 7 26.67 16.34 22.34
C ARG A 7 25.66 15.20 22.55
N THR A 8 25.23 14.96 23.78
CA THR A 8 24.27 13.85 24.03
C THR A 8 22.95 14.14 23.29
N HIS A 9 22.58 15.40 23.19
CA HIS A 9 21.33 15.78 22.47
C HIS A 9 21.39 15.23 21.04
N LEU A 10 22.56 15.30 20.43
CA LEU A 10 22.73 14.79 19.03
C LEU A 10 22.52 13.27 19.00
N VAL A 11 23.04 12.58 19.99
CA VAL A 11 22.91 11.09 20.03
C VAL A 11 21.44 10.70 20.27
N ILE A 12 20.80 11.36 21.22
CA ILE A 12 19.37 11.06 21.54
C ILE A 12 18.49 11.42 20.34
N LEU A 13 18.71 12.59 19.76
CA LEU A 13 17.89 13.01 18.59
C LEU A 13 18.13 12.05 17.43
N GLY A 14 19.35 11.60 17.26
CA GLY A 14 19.68 10.66 16.15
C GLY A 14 18.85 9.38 16.26
N ALA A 15 19.05 8.63 17.34
CA ALA A 15 18.29 7.35 17.54
C ALA A 15 16.79 7.60 17.40
N ILE A 16 16.30 8.63 18.06
CA ILE A 16 14.84 8.95 17.98
C ILE A 16 14.47 9.23 16.51
N LEU A 17 15.34 9.91 15.80
CA LEU A 17 15.08 10.24 14.37
C LEU A 17 14.97 8.95 13.56
N LEU A 18 15.81 7.97 13.84
CA LEU A 18 15.74 6.67 13.08
C LEU A 18 14.34 6.08 13.23
N ALA A 19 13.92 5.92 14.46
CA ALA A 19 12.56 5.35 14.72
C ALA A 19 11.50 6.18 14.00
N LEU A 20 11.75 7.48 13.86
CA LEU A 20 10.80 8.39 13.16
C LEU A 20 10.66 7.96 11.70
N GLY A 21 11.78 7.64 11.08
CA GLY A 21 11.77 7.22 9.64
C GLY A 21 11.18 5.81 9.50
N VAL A 22 11.59 4.91 10.36
CA VAL A 22 11.09 3.49 10.30
C VAL A 22 9.56 3.50 10.50
N ALA A 23 9.08 4.34 11.40
CA ALA A 23 7.61 4.41 11.67
C ALA A 23 6.88 4.97 10.45
N LEU A 24 7.45 5.97 9.81
CA LEU A 24 6.79 6.58 8.62
C LEU A 24 6.68 5.53 7.51
N THR A 25 7.77 4.88 7.22
CA THR A 25 7.79 3.82 6.16
C THR A 25 6.80 2.72 6.52
N PHE A 26 6.72 2.40 7.80
CA PHE A 26 5.78 1.34 8.26
C PHE A 26 4.36 1.70 7.84
N ILE A 27 3.98 2.94 8.04
CA ILE A 27 2.60 3.40 7.67
C ILE A 27 2.45 3.37 6.14
N PHE A 28 3.47 3.82 5.43
CA PHE A 28 3.41 3.82 3.93
C PHE A 28 3.12 2.40 3.43
N ARG A 29 3.74 1.43 4.06
CA ARG A 29 3.54 -0.01 3.67
C ARG A 29 2.05 -0.34 3.72
N LEU A 30 1.37 0.16 4.73
CA LEU A 30 -0.10 -0.12 4.87
C LEU A 30 -0.86 0.55 3.72
N ARG A 31 -0.41 1.73 3.32
CA ARG A 31 -1.07 2.47 2.20
C ARG A 31 -0.98 1.63 0.92
N LYS A 32 0.13 0.95 0.73
CA LYS A 32 0.31 0.10 -0.48
C LYS A 32 -0.37 -1.24 -0.26
N GLY A 33 -1.49 -1.43 -0.90
CA GLY A 33 -2.25 -2.70 -0.76
C GLY A 33 -3.70 -2.46 -1.19
N ARG A 34 -4.13 -3.20 -2.18
CA ARG A 34 -5.52 -3.09 -2.75
C ARG A 34 -5.53 -1.96 -3.78
N LEU A 35 -5.00 -0.84 -3.38
CA LEU A 35 -4.92 0.33 -4.31
C LEU A 35 -3.71 0.14 -5.21
N LEU A 36 -2.61 -0.24 -4.61
CA LEU A 36 -1.34 -0.47 -5.38
C LEU A 36 -1.59 -1.33 -6.64
N ASP A 37 -2.44 -2.36 -6.57
CA ASP A 37 -2.68 -3.23 -7.77
C ASP A 37 -3.93 -2.80 -8.57
N VAL A 38 -4.89 -2.16 -7.92
CA VAL A 38 -6.18 -1.74 -8.62
C VAL A 38 -6.69 -2.87 -9.50
N LYS A 39 -7.50 -3.74 -8.92
CA LYS A 39 -8.07 -4.89 -9.68
C LYS A 39 -9.19 -4.40 -10.58
N LYS A 40 -9.19 -4.87 -11.81
CA LYS A 40 -10.26 -4.45 -12.79
C LYS A 40 -10.66 -5.65 -13.63
N SER A 41 -11.90 -5.66 -14.07
CA SER A 41 -12.41 -6.80 -14.91
C SER A 41 -12.65 -6.31 -16.35
N GLY A 42 -11.89 -5.32 -16.77
CA GLY A 42 -12.04 -4.77 -18.16
C GLY A 42 -13.21 -3.80 -18.19
N ILE A 43 -14.39 -4.29 -17.87
CA ILE A 43 -15.62 -3.44 -17.86
C ILE A 43 -16.79 -4.27 -17.30
N GLN A 44 -16.63 -4.75 -16.09
CA GLN A 44 -17.69 -5.57 -15.43
C GLN A 44 -18.04 -6.76 -16.32
N ASP A 45 -17.03 -7.37 -16.89
CA ASP A 45 -17.24 -8.55 -17.79
C ASP A 45 -16.10 -9.55 -17.59
N THR A 46 -16.30 -10.75 -18.07
CA THR A 46 -15.25 -11.81 -17.94
C THR A 46 -14.34 -11.78 -19.17
N ASN A 47 -14.94 -11.90 -20.33
CA ASN A 47 -14.15 -11.88 -21.60
C ASN A 47 -15.10 -11.57 -22.76
N SER A 48 -14.63 -10.73 -23.67
CA SER A 48 -15.46 -10.35 -24.86
C SER A 48 -15.78 -11.58 -25.69
N LYS A 49 -14.85 -12.51 -25.77
CA LYS A 49 -15.05 -13.75 -26.58
C LYS A 49 -15.37 -13.36 -28.02
N LYS A 50 -14.34 -13.36 -28.85
CA LYS A 50 -14.52 -13.00 -30.29
C LYS A 50 -13.96 -14.12 -31.16
N GLN A 51 -14.84 -14.77 -31.91
CA GLN A 51 -14.40 -15.89 -32.80
C GLN A 51 -15.54 -16.27 -33.73
N SER A 52 -16.66 -16.64 -33.15
CA SER A 52 -17.85 -17.04 -33.96
C SER A 52 -19.08 -16.26 -33.49
N ASP A 53 -19.50 -15.31 -34.29
CA ASP A 53 -20.70 -14.49 -33.93
C ASP A 53 -21.94 -15.38 -33.90
N THR A 54 -22.05 -16.26 -34.87
CA THR A 54 -23.22 -17.18 -34.94
C THR A 54 -22.76 -18.59 -34.62
N HIS A 55 -23.57 -19.32 -33.86
CA HIS A 55 -23.23 -20.72 -33.47
C HIS A 55 -21.89 -20.75 -32.74
N LEU A 56 -21.95 -20.85 -31.43
CA LEU A 56 -20.70 -20.89 -30.61
C LEU A 56 -20.16 -22.31 -30.59
N GLU A 57 -19.03 -22.52 -31.23
CA GLU A 57 -18.41 -23.88 -31.28
C GLU A 57 -17.89 -24.24 -29.89
N GLU A 58 -18.56 -25.18 -29.25
CA GLU A 58 -18.13 -25.61 -27.88
C GLU A 58 -18.96 -26.84 -27.48
N THR A 59 -18.31 -27.99 -27.46
CA THR A 59 -19.01 -29.26 -27.07
C THR A 59 -18.03 -30.19 -26.37
N ALA A 1 32.70 28.89 22.40
CA ALA A 1 31.50 29.12 23.27
C ALA A 1 30.33 28.28 22.76
N HIS A 2 30.10 27.16 23.40
CA HIS A 2 28.97 26.26 22.99
C HIS A 2 28.27 25.72 24.26
N PRO A 3 27.00 25.30 24.18
CA PRO A 3 26.29 24.78 25.38
C PRO A 3 26.95 23.47 25.91
N PRO A 4 26.96 23.21 27.24
CA PRO A 4 27.59 21.96 27.76
C PRO A 4 26.75 20.72 27.46
N ASN A 5 27.42 19.62 27.17
CA ASN A 5 26.73 18.33 26.85
C ASN A 5 25.91 18.52 25.58
N GLU A 6 26.46 19.29 24.64
CA GLU A 6 25.73 19.56 23.37
C GLU A 6 25.72 18.30 22.49
N ARG A 7 26.66 17.40 22.68
CA ARG A 7 26.73 16.16 21.86
C ARG A 7 25.75 15.09 22.38
N THR A 8 25.49 15.02 23.68
CA THR A 8 24.56 13.98 24.20
C THR A 8 23.18 14.16 23.60
N HIS A 9 22.60 15.34 23.71
CA HIS A 9 21.23 15.56 23.13
C HIS A 9 21.21 15.19 21.64
N LEU A 10 22.34 15.37 20.99
CA LEU A 10 22.44 15.05 19.53
C LEU A 10 22.25 13.54 19.32
N VAL A 11 22.86 12.73 20.15
CA VAL A 11 22.73 11.24 20.02
C VAL A 11 21.29 10.82 20.35
N ILE A 12 20.72 11.38 21.40
CA ILE A 12 19.32 11.02 21.79
C ILE A 12 18.37 11.32 20.64
N LEU A 13 18.54 12.48 20.03
CA LEU A 13 17.66 12.87 18.88
C LEU A 13 17.93 11.96 17.68
N GLY A 14 19.16 11.56 17.50
CA GLY A 14 19.53 10.69 16.35
C GLY A 14 18.76 9.36 16.43
N ALA A 15 18.85 8.68 17.55
CA ALA A 15 18.15 7.37 17.71
C ALA A 15 16.64 7.56 17.54
N ILE A 16 16.10 8.61 18.13
CA ILE A 16 14.63 8.87 18.03
C ILE A 16 14.27 9.14 16.56
N LEU A 17 15.10 9.89 15.87
CA LEU A 17 14.82 10.24 14.44
C LEU A 17 14.85 8.97 13.57
N LEU A 18 15.82 8.10 13.80
CA LEU A 18 15.92 6.83 12.99
C LEU A 18 14.64 6.02 13.20
N ALA A 19 14.26 5.84 14.45
CA ALA A 19 13.01 5.07 14.75
C ALA A 19 11.82 5.76 14.07
N LEU A 20 11.87 7.08 13.98
CA LEU A 20 10.78 7.86 13.31
C LEU A 20 10.69 7.44 11.84
N GLY A 21 11.83 7.22 11.22
CA GLY A 21 11.85 6.80 9.77
C GLY A 21 11.17 5.46 9.60
N VAL A 22 11.46 4.53 10.50
CA VAL A 22 10.84 3.16 10.42
C VAL A 22 9.31 3.30 10.53
N ALA A 23 8.86 4.15 11.43
CA ALA A 23 7.39 4.35 11.61
C ALA A 23 6.78 4.93 10.34
N LEU A 24 7.48 5.86 9.72
CA LEU A 24 6.97 6.50 8.47
C LEU A 24 6.86 5.44 7.37
N THR A 25 7.89 4.64 7.25
CA THR A 25 7.90 3.56 6.21
C THR A 25 6.78 2.56 6.49
N PHE A 26 6.57 2.26 7.75
CA PHE A 26 5.51 1.28 8.15
C PHE A 26 4.14 1.79 7.68
N ILE A 27 3.84 3.03 7.96
CA ILE A 27 2.52 3.63 7.55
C ILE A 27 2.46 3.74 6.01
N PHE A 28 3.55 4.19 5.42
CA PHE A 28 3.60 4.36 3.93
C PHE A 28 3.44 3.00 3.24
N ARG A 29 3.97 1.96 3.85
CA ARG A 29 3.88 0.58 3.25
C ARG A 29 2.40 0.17 3.14
N LEU A 30 1.62 0.50 4.14
CA LEU A 30 0.16 0.15 4.14
C LEU A 30 -0.53 0.89 2.99
N ARG A 31 -0.13 2.12 2.75
CA ARG A 31 -0.75 2.93 1.65
C ARG A 31 -0.63 2.18 0.32
N LYS A 32 0.50 1.53 0.11
CA LYS A 32 0.71 0.76 -1.15
C LYS A 32 -0.08 -0.53 -1.08
N GLY A 33 -1.16 -0.59 -1.83
CA GLY A 33 -2.02 -1.81 -1.85
C GLY A 33 -3.37 -1.47 -2.47
N ARG A 34 -3.98 -0.41 -2.00
CA ARG A 34 -5.32 0.02 -2.54
C ARG A 34 -5.20 0.24 -4.05
N LEU A 35 -4.13 0.88 -4.47
CA LEU A 35 -3.92 1.15 -5.93
C LEU A 35 -3.15 0.00 -6.57
N LEU A 36 -3.29 -1.20 -6.03
CA LEU A 36 -2.60 -2.39 -6.60
C LEU A 36 -3.49 -2.97 -7.69
N ASP A 37 -3.15 -2.69 -8.93
CA ASP A 37 -3.95 -3.18 -10.11
C ASP A 37 -5.44 -3.01 -9.85
N VAL A 38 -5.91 -1.81 -10.03
CA VAL A 38 -7.37 -1.49 -9.81
C VAL A 38 -8.14 -1.64 -11.14
N LYS A 39 -7.45 -1.52 -12.25
CA LYS A 39 -8.10 -1.64 -13.60
C LYS A 39 -9.20 -0.58 -13.74
N LYS A 40 -8.93 0.41 -14.55
CA LYS A 40 -9.92 1.52 -14.78
C LYS A 40 -11.19 0.96 -15.42
N SER A 41 -11.07 -0.13 -16.17
CA SER A 41 -12.25 -0.74 -16.84
C SER A 41 -13.33 -1.05 -15.81
N GLY A 42 -14.57 -0.92 -16.22
CA GLY A 42 -15.71 -1.20 -15.28
C GLY A 42 -16.52 -2.38 -15.80
N ILE A 43 -15.95 -3.56 -15.68
CA ILE A 43 -16.65 -4.80 -16.14
C ILE A 43 -16.93 -4.67 -17.64
N GLN A 44 -16.07 -5.26 -18.45
CA GLN A 44 -16.25 -5.20 -19.94
C GLN A 44 -16.84 -6.52 -20.43
N ASP A 45 -17.35 -6.50 -21.64
CA ASP A 45 -17.96 -7.74 -22.23
C ASP A 45 -19.07 -8.24 -21.31
N THR A 46 -20.28 -7.78 -21.55
CA THR A 46 -21.44 -8.20 -20.71
C THR A 46 -22.49 -8.85 -21.61
N ASN A 47 -22.81 -8.20 -22.71
CA ASN A 47 -23.82 -8.74 -23.66
C ASN A 47 -23.16 -9.06 -24.99
N SER A 48 -23.51 -10.19 -25.57
CA SER A 48 -22.91 -10.61 -26.87
C SER A 48 -24.01 -11.17 -27.77
N LYS A 49 -23.76 -11.18 -29.06
CA LYS A 49 -24.77 -11.70 -30.03
C LYS A 49 -24.82 -13.22 -29.91
N LYS A 50 -26.02 -13.76 -29.95
CA LYS A 50 -26.21 -15.24 -29.83
C LYS A 50 -26.79 -15.77 -31.12
N GLN A 51 -25.98 -16.48 -31.88
CA GLN A 51 -26.45 -17.07 -33.17
C GLN A 51 -26.99 -18.47 -32.92
N SER A 52 -26.21 -19.28 -32.24
CA SER A 52 -26.64 -20.68 -31.93
C SER A 52 -26.99 -21.41 -33.22
N ASP A 53 -27.36 -22.66 -33.10
CA ASP A 53 -27.74 -23.48 -34.30
C ASP A 53 -26.57 -23.50 -35.28
N THR A 54 -25.72 -24.50 -35.17
CA THR A 54 -24.54 -24.61 -36.07
C THR A 54 -24.42 -26.05 -36.55
N HIS A 55 -24.80 -26.29 -37.79
CA HIS A 55 -24.73 -27.67 -38.37
C HIS A 55 -24.43 -27.57 -39.85
N LEU A 56 -23.65 -28.51 -40.36
CA LEU A 56 -23.30 -28.53 -41.81
C LEU A 56 -23.94 -29.73 -42.47
N GLU A 57 -24.44 -29.54 -43.67
CA GLU A 57 -25.09 -30.67 -44.42
C GLU A 57 -26.24 -31.24 -43.58
N GLU A 58 -27.41 -30.67 -43.75
CA GLU A 58 -28.61 -31.14 -42.98
C GLU A 58 -29.86 -30.99 -43.85
N THR A 59 -30.63 -32.04 -43.94
CA THR A 59 -31.88 -32.01 -44.76
C THR A 59 -32.92 -32.92 -44.14
N ALA A 1 34.66 23.53 22.93
CA ALA A 1 33.56 23.33 23.91
C ALA A 1 33.76 22.00 24.64
N HIS A 2 34.55 22.04 25.70
CA HIS A 2 34.84 20.80 26.49
C HIS A 2 33.85 20.67 27.68
N PRO A 3 33.65 21.70 28.52
CA PRO A 3 32.70 21.56 29.68
C PRO A 3 31.26 21.20 29.25
N PRO A 4 30.61 21.95 28.32
CA PRO A 4 29.22 21.61 27.90
C PRO A 4 29.09 20.16 27.43
N ASN A 5 28.03 19.51 27.87
CA ASN A 5 27.79 18.09 27.47
C ASN A 5 26.51 18.00 26.62
N GLU A 6 26.25 19.03 25.83
CA GLU A 6 25.02 19.04 24.96
C GLU A 6 25.16 18.02 23.82
N ARG A 7 26.36 17.51 23.58
CA ARG A 7 26.58 16.50 22.50
C ARG A 7 25.62 15.31 22.69
N THR A 8 25.26 15.01 23.93
CA THR A 8 24.33 13.86 24.20
C THR A 8 22.99 14.11 23.48
N HIS A 9 22.57 15.36 23.45
CA HIS A 9 21.26 15.71 22.79
C HIS A 9 21.32 15.32 21.32
N LEU A 10 22.45 15.57 20.68
CA LEU A 10 22.59 15.22 19.23
C LEU A 10 22.56 13.71 19.03
N VAL A 11 23.24 12.97 19.89
CA VAL A 11 23.27 11.48 19.75
C VAL A 11 21.87 10.91 20.04
N ILE A 12 21.24 11.39 21.09
CA ILE A 12 19.86 10.89 21.44
C ILE A 12 18.89 11.27 20.33
N LEU A 13 18.92 12.52 19.89
CA LEU A 13 18.01 12.96 18.79
C LEU A 13 18.21 12.07 17.57
N GLY A 14 19.42 11.62 17.35
CA GLY A 14 19.71 10.74 16.18
C GLY A 14 18.90 9.46 16.30
N ALA A 15 18.99 8.81 17.44
CA ALA A 15 18.23 7.53 17.66
C ALA A 15 16.73 7.78 17.46
N ILE A 16 16.22 8.84 18.03
CA ILE A 16 14.76 9.16 17.90
C ILE A 16 14.45 9.44 16.42
N LEU A 17 15.34 10.13 15.73
CA LEU A 17 15.11 10.48 14.30
C LEU A 17 15.01 9.20 13.45
N LEU A 18 15.88 8.25 13.70
CA LEU A 18 15.88 6.97 12.90
C LEU A 18 14.58 6.21 13.15
N ALA A 19 14.15 6.14 14.39
CA ALA A 19 12.90 5.40 14.73
C ALA A 19 11.71 6.08 14.04
N LEU A 20 11.72 7.39 13.97
CA LEU A 20 10.60 8.14 13.29
C LEU A 20 10.55 7.74 11.81
N GLY A 21 11.71 7.57 11.21
CA GLY A 21 11.77 7.18 9.78
C GLY A 21 11.09 5.82 9.58
N VAL A 22 11.34 4.90 10.48
CA VAL A 22 10.72 3.54 10.38
C VAL A 22 9.20 3.69 10.41
N ALA A 23 8.70 4.59 11.24
CA ALA A 23 7.23 4.79 11.35
C ALA A 23 6.66 5.17 9.98
N LEU A 24 7.37 5.98 9.23
CA LEU A 24 6.88 6.40 7.88
C LEU A 24 6.76 5.17 6.98
N THR A 25 7.77 4.34 7.02
CA THR A 25 7.78 3.10 6.18
C THR A 25 6.61 2.20 6.56
N PHE A 26 6.31 2.14 7.84
CA PHE A 26 5.19 1.28 8.34
C PHE A 26 3.85 1.77 7.78
N ILE A 27 3.63 3.06 7.79
CA ILE A 27 2.34 3.64 7.28
C ILE A 27 2.19 3.37 5.78
N PHE A 28 3.26 3.55 5.02
CA PHE A 28 3.18 3.31 3.54
C PHE A 28 2.92 1.84 3.26
N ARG A 29 3.59 0.96 3.97
CA ARG A 29 3.41 -0.51 3.75
C ARG A 29 2.03 -0.95 4.25
N LEU A 30 1.56 -0.34 5.31
CA LEU A 30 0.22 -0.71 5.88
C LEU A 30 -0.86 -0.48 4.83
N ARG A 31 -0.79 0.64 4.15
CA ARG A 31 -1.79 0.98 3.10
C ARG A 31 -1.62 0.06 1.90
N LYS A 32 -0.39 -0.27 1.57
CA LYS A 32 -0.10 -1.17 0.40
C LYS A 32 -1.00 -2.41 0.44
N GLY A 33 -1.26 -2.90 1.63
CA GLY A 33 -2.11 -4.12 1.78
C GLY A 33 -3.59 -3.72 1.74
N ARG A 34 -3.98 -2.97 0.73
CA ARG A 34 -5.41 -2.53 0.60
C ARG A 34 -6.01 -3.00 -0.73
N LEU A 35 -5.17 -3.23 -1.72
CA LEU A 35 -5.67 -3.68 -3.06
C LEU A 35 -6.06 -5.14 -3.00
N LEU A 36 -5.20 -5.96 -2.41
CA LEU A 36 -5.50 -7.42 -2.30
C LEU A 36 -6.12 -7.70 -0.92
N ASP A 37 -7.34 -7.26 -0.75
CA ASP A 37 -8.05 -7.46 0.56
C ASP A 37 -9.52 -7.04 0.42
N VAL A 38 -9.75 -5.79 0.03
CA VAL A 38 -11.15 -5.29 -0.12
C VAL A 38 -11.83 -6.09 -1.24
N LYS A 39 -13.12 -6.30 -1.09
CA LYS A 39 -13.89 -7.07 -2.11
C LYS A 39 -15.34 -6.58 -2.14
N LYS A 40 -15.87 -6.26 -0.98
CA LYS A 40 -17.28 -5.76 -0.90
C LYS A 40 -18.22 -6.81 -1.48
N SER A 41 -18.83 -7.58 -0.61
CA SER A 41 -19.77 -8.66 -1.05
C SER A 41 -20.83 -8.85 0.02
N GLY A 42 -22.05 -9.14 -0.41
CA GLY A 42 -23.17 -9.34 0.55
C GLY A 42 -24.24 -8.29 0.29
N ILE A 43 -25.43 -8.75 -0.01
CA ILE A 43 -26.60 -7.83 -0.29
C ILE A 43 -26.35 -7.14 -1.63
N GLN A 44 -27.14 -7.51 -2.61
CA GLN A 44 -27.01 -6.91 -3.99
C GLN A 44 -25.62 -7.22 -4.53
N ASP A 45 -25.51 -8.31 -5.25
CA ASP A 45 -24.20 -8.71 -5.85
C ASP A 45 -24.05 -8.08 -7.22
N THR A 46 -23.04 -7.25 -7.38
CA THR A 46 -22.80 -6.57 -8.69
C THR A 46 -22.59 -7.62 -9.77
N ASN A 47 -21.78 -8.61 -9.46
CA ASN A 47 -21.50 -9.70 -10.45
C ASN A 47 -22.80 -10.44 -10.76
N SER A 48 -23.09 -10.60 -12.03
CA SER A 48 -24.34 -11.31 -12.44
C SER A 48 -24.01 -12.78 -12.72
N LYS A 49 -25.04 -13.58 -12.89
CA LYS A 49 -24.84 -15.03 -13.16
C LYS A 49 -24.57 -15.24 -14.65
N LYS A 50 -23.32 -15.35 -15.00
CA LYS A 50 -22.93 -15.56 -16.43
C LYS A 50 -21.73 -16.49 -16.50
N GLN A 51 -21.79 -17.46 -17.40
CA GLN A 51 -20.66 -18.43 -17.55
C GLN A 51 -19.88 -18.12 -18.82
N SER A 52 -18.83 -18.88 -19.06
CA SER A 52 -17.99 -18.66 -20.28
C SER A 52 -18.85 -18.77 -21.52
N ASP A 53 -18.43 -18.10 -22.58
CA ASP A 53 -19.20 -18.13 -23.86
C ASP A 53 -19.35 -19.57 -24.34
N THR A 54 -20.13 -19.76 -25.39
CA THR A 54 -20.34 -21.13 -25.96
C THR A 54 -20.86 -22.05 -24.87
N HIS A 55 -22.17 -22.22 -24.83
CA HIS A 55 -22.80 -23.12 -23.80
C HIS A 55 -22.56 -24.57 -24.20
N LEU A 56 -22.84 -25.48 -23.29
CA LEU A 56 -22.64 -26.93 -23.56
C LEU A 56 -23.56 -27.35 -24.72
N GLU A 57 -24.79 -26.90 -24.67
CA GLU A 57 -25.77 -27.25 -25.75
C GLU A 57 -26.77 -26.08 -25.95
N GLU A 58 -26.38 -24.89 -25.57
CA GLU A 58 -27.27 -23.69 -25.72
C GLU A 58 -28.62 -23.97 -25.07
N THR A 59 -28.76 -23.58 -23.82
CA THR A 59 -30.05 -23.81 -23.09
C THR A 59 -30.96 -22.60 -23.28
N ALA A 1 33.01 15.40 36.11
CA ALA A 1 33.33 14.27 35.19
C ALA A 1 32.54 14.43 33.90
N HIS A 2 33.09 13.94 32.81
CA HIS A 2 32.41 14.05 31.48
C HIS A 2 32.09 15.54 31.19
N PRO A 3 33.08 16.36 30.80
CA PRO A 3 32.81 17.80 30.51
C PRO A 3 31.74 18.00 29.40
N PRO A 4 31.86 17.37 28.23
CA PRO A 4 30.83 17.56 27.15
C PRO A 4 29.43 17.15 27.62
N ASN A 5 28.43 17.90 27.21
CA ASN A 5 27.02 17.58 27.60
C ASN A 5 26.05 17.88 26.45
N GLU A 6 26.44 18.72 25.50
CA GLU A 6 25.55 19.04 24.35
C GLU A 6 25.63 17.94 23.28
N ARG A 7 26.71 17.18 23.29
CA ARG A 7 26.89 16.09 22.28
C ARG A 7 25.83 15.01 22.47
N THR A 8 25.41 14.76 23.70
CA THR A 8 24.39 13.70 23.97
C THR A 8 23.07 14.08 23.28
N HIS A 9 22.77 15.37 23.21
CA HIS A 9 21.50 15.82 22.55
C HIS A 9 21.48 15.31 21.10
N LEU A 10 22.62 15.36 20.45
CA LEU A 10 22.70 14.88 19.03
C LEU A 10 22.48 13.37 18.98
N VAL A 11 23.07 12.64 19.91
CA VAL A 11 22.92 11.15 19.93
C VAL A 11 21.46 10.79 20.20
N ILE A 12 20.84 11.46 21.16
CA ILE A 12 19.42 11.18 21.50
C ILE A 12 18.51 11.60 20.34
N LEU A 13 18.75 12.77 19.79
CA LEU A 13 17.91 13.25 18.64
C LEU A 13 18.09 12.30 17.46
N GLY A 14 19.30 11.85 17.25
CA GLY A 14 19.59 10.92 16.12
C GLY A 14 18.70 9.67 16.23
N ALA A 15 18.90 8.90 17.28
CA ALA A 15 18.10 7.64 17.48
C ALA A 15 16.61 7.94 17.37
N ILE A 16 16.15 8.97 18.06
CA ILE A 16 14.71 9.35 18.02
C ILE A 16 14.31 9.63 16.56
N LEU A 17 15.20 10.28 15.83
CA LEU A 17 14.92 10.60 14.40
C LEU A 17 14.74 9.30 13.60
N LEU A 18 15.53 8.29 13.91
CA LEU A 18 15.43 6.99 13.18
C LEU A 18 14.05 6.37 13.38
N ALA A 19 13.62 6.32 14.62
CA ALA A 19 12.28 5.70 14.95
C ALA A 19 11.18 6.37 14.12
N LEU A 20 11.23 7.68 13.98
CA LEU A 20 10.19 8.40 13.16
C LEU A 20 10.28 7.94 11.70
N GLY A 21 11.48 7.82 11.20
CA GLY A 21 11.69 7.40 9.78
C GLY A 21 11.17 5.98 9.56
N VAL A 22 11.55 5.07 10.43
CA VAL A 22 11.12 3.63 10.29
C VAL A 22 9.60 3.55 10.43
N ALA A 23 9.04 4.30 11.36
CA ALA A 23 7.56 4.28 11.57
C ALA A 23 6.84 4.79 10.32
N LEU A 24 7.41 5.78 9.67
CA LEU A 24 6.77 6.34 8.44
C LEU A 24 6.72 5.27 7.36
N THR A 25 7.82 4.58 7.18
CA THR A 25 7.90 3.51 6.14
C THR A 25 6.91 2.39 6.48
N PHE A 26 6.82 2.05 7.75
CA PHE A 26 5.89 0.96 8.18
C PHE A 26 4.47 1.31 7.75
N ILE A 27 4.05 2.53 8.01
CA ILE A 27 2.67 2.98 7.61
C ILE A 27 2.59 3.04 6.08
N PHE A 28 3.63 3.55 5.45
CA PHE A 28 3.66 3.66 3.96
C PHE A 28 3.38 2.28 3.34
N ARG A 29 3.86 1.24 3.97
CA ARG A 29 3.64 -0.14 3.45
C ARG A 29 2.15 -0.45 3.38
N LEU A 30 1.40 0.03 4.35
CA LEU A 30 -0.08 -0.20 4.37
C LEU A 30 -0.70 0.42 3.12
N ARG A 31 -0.30 1.63 2.82
CA ARG A 31 -0.84 2.35 1.63
C ARG A 31 -0.31 1.71 0.34
N LYS A 32 0.93 1.28 0.36
CA LYS A 32 1.55 0.65 -0.83
C LYS A 32 1.08 -0.79 -0.94
N GLY A 33 0.72 -1.16 -2.13
CA GLY A 33 0.23 -2.55 -2.40
C GLY A 33 -1.28 -2.60 -2.36
N ARG A 34 -1.87 -1.89 -1.44
CA ARG A 34 -3.37 -1.86 -1.30
C ARG A 34 -3.99 -1.14 -2.51
N LEU A 35 -3.17 -0.56 -3.38
CA LEU A 35 -3.71 0.18 -4.56
C LEU A 35 -2.96 -0.26 -5.83
N LEU A 36 -2.84 -1.55 -6.02
CA LEU A 36 -2.13 -2.10 -7.24
C LEU A 36 -3.08 -2.00 -8.46
N ASP A 37 -3.58 -0.80 -8.72
CA ASP A 37 -4.51 -0.60 -9.88
C ASP A 37 -5.67 -1.61 -9.82
N VAL A 38 -5.96 -2.10 -8.64
CA VAL A 38 -7.07 -3.10 -8.47
C VAL A 38 -8.41 -2.48 -8.87
N LYS A 39 -8.52 -1.17 -8.71
CA LYS A 39 -9.80 -0.46 -9.06
C LYS A 39 -10.24 -0.84 -10.48
N LYS A 40 -11.44 -1.34 -10.60
CA LYS A 40 -11.97 -1.76 -11.93
C LYS A 40 -13.44 -2.17 -11.77
N SER A 41 -14.33 -1.45 -12.42
CA SER A 41 -15.79 -1.77 -12.31
C SER A 41 -16.30 -2.21 -13.68
N GLY A 42 -16.12 -1.37 -14.67
CA GLY A 42 -16.60 -1.70 -16.05
C GLY A 42 -18.02 -1.19 -16.23
N ILE A 43 -18.18 -0.16 -17.03
CA ILE A 43 -19.53 0.44 -17.28
C ILE A 43 -20.43 -0.63 -17.88
N GLN A 44 -19.93 -1.34 -18.88
CA GLN A 44 -20.73 -2.41 -19.53
C GLN A 44 -19.80 -3.49 -20.06
N ASP A 45 -20.29 -4.71 -20.10
CA ASP A 45 -19.47 -5.85 -20.61
C ASP A 45 -20.36 -6.82 -21.38
N THR A 46 -20.11 -6.95 -22.66
CA THR A 46 -20.93 -7.86 -23.51
C THR A 46 -20.23 -9.22 -23.62
N ASN A 47 -20.57 -10.12 -22.71
CA ASN A 47 -19.95 -11.49 -22.72
C ASN A 47 -18.43 -11.35 -22.65
N SER A 48 -17.96 -10.44 -21.83
CA SER A 48 -16.48 -10.22 -21.66
C SER A 48 -15.88 -9.90 -23.03
N LYS A 49 -16.56 -9.06 -23.78
CA LYS A 49 -16.05 -8.66 -25.14
C LYS A 49 -15.83 -9.91 -25.99
N LYS A 50 -16.90 -10.62 -26.27
CA LYS A 50 -16.80 -11.87 -27.10
C LYS A 50 -17.95 -11.89 -28.10
N GLN A 51 -19.14 -11.57 -27.63
CA GLN A 51 -20.35 -11.56 -28.52
C GLN A 51 -20.40 -10.24 -29.26
N SER A 52 -19.91 -10.23 -30.48
CA SER A 52 -19.92 -8.98 -31.30
C SER A 52 -19.82 -9.33 -32.80
N ASP A 53 -20.34 -10.48 -33.17
CA ASP A 53 -20.30 -10.91 -34.60
C ASP A 53 -21.50 -10.33 -35.34
N THR A 54 -22.70 -10.75 -34.94
CA THR A 54 -23.95 -10.24 -35.58
C THR A 54 -23.83 -10.34 -37.11
N HIS A 55 -24.25 -11.46 -37.65
CA HIS A 55 -24.18 -11.68 -39.13
C HIS A 55 -25.55 -12.13 -39.65
N LEU A 56 -26.31 -11.19 -40.15
CA LEU A 56 -27.67 -11.51 -40.70
C LEU A 56 -27.84 -10.81 -42.04
N GLU A 57 -28.20 -11.58 -43.05
CA GLU A 57 -28.41 -11.01 -44.41
C GLU A 57 -29.87 -11.20 -44.83
N GLU A 58 -30.32 -12.44 -44.80
CA GLU A 58 -31.73 -12.75 -45.18
C GLU A 58 -32.41 -13.49 -44.04
N THR A 59 -31.86 -14.64 -43.67
CA THR A 59 -32.44 -15.46 -42.57
C THR A 59 -33.87 -15.86 -42.92
N ALA A 1 33.72 26.29 31.68
CA ALA A 1 34.38 24.97 31.90
C ALA A 1 33.47 24.08 32.73
N HIS A 2 33.11 22.95 32.18
CA HIS A 2 32.21 21.99 32.90
C HIS A 2 32.31 20.60 32.21
N PRO A 3 32.02 19.49 32.92
CA PRO A 3 32.11 18.14 32.28
C PRO A 3 31.37 18.08 30.92
N PRO A 4 32.07 18.03 29.77
CA PRO A 4 31.35 17.98 28.45
C PRO A 4 30.32 16.85 28.40
N ASN A 5 29.07 17.21 28.16
CA ASN A 5 27.97 16.19 28.06
C ASN A 5 26.80 16.75 27.23
N GLU A 6 27.06 17.81 26.46
CA GLU A 6 25.98 18.40 25.61
C GLU A 6 25.81 17.61 24.30
N ARG A 7 26.80 16.80 23.96
CA ARG A 7 26.75 16.00 22.70
C ARG A 7 25.59 14.98 22.76
N THR A 8 25.19 14.58 23.95
CA THR A 8 24.08 13.58 24.10
C THR A 8 22.83 14.05 23.35
N HIS A 9 22.64 15.36 23.25
CA HIS A 9 21.44 15.91 22.53
C HIS A 9 21.46 15.46 21.07
N LEU A 10 22.60 15.53 20.43
CA LEU A 10 22.70 15.12 18.99
C LEU A 10 22.44 13.62 18.85
N VAL A 11 23.00 12.84 19.74
CA VAL A 11 22.81 11.35 19.68
C VAL A 11 21.35 10.99 19.96
N ILE A 12 20.76 11.63 20.94
CA ILE A 12 19.34 11.35 21.30
C ILE A 12 18.42 11.81 20.16
N LEU A 13 18.64 13.01 19.66
CA LEU A 13 17.78 13.53 18.54
C LEU A 13 17.97 12.64 17.31
N GLY A 14 19.18 12.21 17.06
CA GLY A 14 19.46 11.35 15.87
C GLY A 14 18.62 10.08 15.94
N ALA A 15 18.86 9.25 16.94
CA ALA A 15 18.10 7.96 17.06
C ALA A 15 16.59 8.23 16.97
N ILE A 16 16.11 9.20 17.72
CA ILE A 16 14.66 9.55 17.69
C ILE A 16 14.26 9.91 16.26
N LEU A 17 15.12 10.63 15.57
CA LEU A 17 14.84 11.03 14.15
C LEU A 17 14.69 9.78 13.29
N LEU A 18 15.53 8.79 13.53
CA LEU A 18 15.46 7.52 12.71
C LEU A 18 14.09 6.89 12.90
N ALA A 19 13.71 6.69 14.13
CA ALA A 19 12.40 6.04 14.44
C ALA A 19 11.26 6.82 13.77
N LEU A 20 11.40 8.13 13.66
CA LEU A 20 10.35 8.97 12.99
C LEU A 20 10.22 8.51 11.54
N GLY A 21 11.35 8.32 10.89
CA GLY A 21 11.36 7.86 9.47
C GLY A 21 10.84 6.43 9.37
N VAL A 22 11.31 5.57 10.25
CA VAL A 22 10.87 4.14 10.25
C VAL A 22 9.34 4.08 10.40
N ALA A 23 8.79 4.96 11.21
CA ALA A 23 7.32 4.97 11.42
C ALA A 23 6.60 5.21 10.09
N LEU A 24 7.13 6.10 9.29
CA LEU A 24 6.51 6.39 7.96
C LEU A 24 6.55 5.14 7.10
N THR A 25 7.71 4.53 7.04
CA THR A 25 7.89 3.28 6.22
C THR A 25 6.97 2.17 6.77
N PHE A 26 6.81 2.14 8.08
CA PHE A 26 5.95 1.11 8.72
C PHE A 26 4.53 1.23 8.16
N ILE A 27 4.04 2.45 8.10
CA ILE A 27 2.65 2.69 7.57
C ILE A 27 2.61 2.25 6.09
N PHE A 28 3.65 2.57 5.35
CA PHE A 28 3.70 2.18 3.90
C PHE A 28 3.53 0.66 3.77
N ARG A 29 4.15 -0.07 4.67
CA ARG A 29 4.06 -1.56 4.64
C ARG A 29 2.61 -2.00 4.84
N LEU A 30 1.95 -1.39 5.80
CA LEU A 30 0.52 -1.75 6.08
C LEU A 30 -0.45 -0.92 5.19
N ARG A 31 0.08 -0.07 4.35
CA ARG A 31 -0.79 0.77 3.47
C ARG A 31 -1.63 -0.14 2.56
N LYS A 32 -1.02 -1.21 2.07
CA LYS A 32 -1.75 -2.17 1.19
C LYS A 32 -2.49 -1.43 0.07
N GLY A 33 -1.87 -0.40 -0.44
CA GLY A 33 -2.48 0.40 -1.55
C GLY A 33 -3.61 1.28 -0.99
N ARG A 34 -3.52 1.63 0.28
CA ARG A 34 -4.58 2.48 0.92
C ARG A 34 -5.93 1.80 0.77
N LEU A 35 -5.94 0.48 0.89
CA LEU A 35 -7.21 -0.30 0.75
C LEU A 35 -7.94 0.08 -0.54
N LEU A 36 -7.22 0.63 -1.50
CA LEU A 36 -7.81 1.03 -2.82
C LEU A 36 -9.13 1.79 -2.60
N ASP A 37 -9.02 3.06 -2.26
CA ASP A 37 -10.23 3.91 -2.04
C ASP A 37 -11.17 3.29 -1.00
N VAL A 38 -10.66 2.36 -0.21
CA VAL A 38 -11.49 1.67 0.86
C VAL A 38 -12.90 1.37 0.36
N LYS A 39 -13.06 0.23 -0.27
CA LYS A 39 -14.40 -0.18 -0.79
C LYS A 39 -14.40 -1.69 -1.08
N LYS A 40 -15.05 -2.43 -0.23
CA LYS A 40 -15.12 -3.92 -0.40
C LYS A 40 -16.28 -4.47 0.41
N SER A 41 -17.42 -4.62 -0.24
CA SER A 41 -18.63 -5.15 0.45
C SER A 41 -19.68 -5.54 -0.59
N GLY A 42 -19.62 -6.78 -1.03
CA GLY A 42 -20.60 -7.27 -2.06
C GLY A 42 -20.56 -6.37 -3.29
N ILE A 43 -19.38 -5.94 -3.67
CA ILE A 43 -19.23 -5.05 -4.85
C ILE A 43 -18.61 -5.85 -6.02
N GLN A 44 -19.09 -7.07 -6.19
CA GLN A 44 -18.56 -7.94 -7.28
C GLN A 44 -18.96 -7.35 -8.64
N ASP A 45 -18.08 -7.49 -9.61
CA ASP A 45 -18.36 -6.95 -10.98
C ASP A 45 -19.53 -7.71 -11.58
N THR A 46 -20.33 -7.02 -12.36
CA THR A 46 -21.52 -7.66 -13.00
C THR A 46 -21.24 -7.86 -14.49
N ASN A 47 -21.94 -8.79 -15.10
CA ASN A 47 -21.75 -9.08 -16.56
C ASN A 47 -23.06 -9.61 -17.15
N SER A 48 -23.03 -9.96 -18.42
CA SER A 48 -24.25 -10.49 -19.09
C SER A 48 -25.36 -9.44 -19.03
N LYS A 49 -25.46 -8.65 -20.08
CA LYS A 49 -26.51 -7.58 -20.14
C LYS A 49 -26.96 -7.37 -21.59
N LYS A 50 -26.02 -7.49 -22.52
CA LYS A 50 -26.35 -7.31 -23.97
C LYS A 50 -25.73 -8.46 -24.76
N GLN A 51 -26.33 -9.63 -24.63
CA GLN A 51 -25.82 -10.84 -25.36
C GLN A 51 -27.00 -11.58 -25.97
N SER A 52 -27.25 -11.35 -27.24
CA SER A 52 -28.39 -12.02 -27.94
C SER A 52 -28.14 -11.98 -29.44
N ASP A 53 -27.61 -13.06 -29.97
CA ASP A 53 -27.33 -13.13 -31.45
C ASP A 53 -27.11 -14.59 -31.84
N THR A 54 -28.18 -15.25 -32.22
CA THR A 54 -28.09 -16.69 -32.63
C THR A 54 -27.76 -16.76 -34.12
N HIS A 55 -28.42 -15.94 -34.90
CA HIS A 55 -28.18 -15.93 -36.38
C HIS A 55 -27.27 -14.76 -36.74
N LEU A 56 -26.07 -15.06 -37.15
CA LEU A 56 -25.08 -14.00 -37.52
C LEU A 56 -25.65 -13.18 -38.68
N GLU A 57 -26.12 -13.86 -39.70
CA GLU A 57 -26.68 -13.14 -40.89
C GLU A 57 -27.95 -13.85 -41.38
N GLU A 58 -28.70 -14.43 -40.46
CA GLU A 58 -29.98 -15.15 -40.83
C GLU A 58 -29.64 -16.44 -41.58
N THR A 59 -29.17 -16.32 -42.81
CA THR A 59 -28.81 -17.52 -43.62
C THR A 59 -27.38 -17.37 -44.13
N ALA A 1 35.13 24.40 34.35
CA ALA A 1 34.26 24.73 35.51
C ALA A 1 33.29 23.58 35.76
N HIS A 2 32.54 23.23 34.72
CA HIS A 2 31.55 22.12 34.83
C HIS A 2 31.57 21.29 33.53
N PRO A 3 31.19 20.01 33.55
CA PRO A 3 31.19 19.18 32.29
C PRO A 3 29.97 19.49 31.39
N PRO A 4 30.15 20.08 30.19
CA PRO A 4 28.97 20.38 29.32
C PRO A 4 28.32 19.10 28.76
N ASN A 5 28.95 18.48 27.78
CA ASN A 5 28.39 17.24 27.16
C ASN A 5 27.02 17.58 26.56
N GLU A 6 26.92 18.76 25.97
CA GLU A 6 25.63 19.20 25.38
C GLU A 6 25.27 18.36 24.14
N ARG A 7 26.22 17.64 23.59
CA ARG A 7 25.97 16.80 22.38
C ARG A 7 24.93 15.69 22.68
N THR A 8 24.74 15.38 23.95
CA THR A 8 23.76 14.32 24.38
C THR A 8 22.45 14.46 23.59
N HIS A 9 22.01 15.70 23.39
CA HIS A 9 20.74 15.95 22.62
C HIS A 9 20.89 15.37 21.21
N LEU A 10 22.07 15.50 20.64
CA LEU A 10 22.35 14.96 19.26
C LEU A 10 22.21 13.43 19.28
N VAL A 11 22.67 12.81 20.35
CA VAL A 11 22.62 11.31 20.46
C VAL A 11 21.16 10.85 20.55
N ILE A 12 20.39 11.52 21.37
CA ILE A 12 18.95 11.15 21.58
C ILE A 12 18.14 11.48 20.31
N LEU A 13 18.29 12.68 19.79
CA LEU A 13 17.53 13.08 18.55
C LEU A 13 17.95 12.21 17.37
N GLY A 14 19.23 11.88 17.30
CA GLY A 14 19.73 11.02 16.18
C GLY A 14 19.03 9.67 16.20
N ALA A 15 19.10 8.99 17.32
CA ALA A 15 18.45 7.63 17.44
C ALA A 15 16.95 7.75 17.17
N ILE A 16 16.34 8.80 17.67
CA ILE A 16 14.87 9.01 17.47
C ILE A 16 14.59 9.24 15.98
N LEU A 17 15.45 9.99 15.31
CA LEU A 17 15.24 10.28 13.86
C LEU A 17 15.26 8.97 13.05
N LEU A 18 16.19 8.09 13.36
CA LEU A 18 16.27 6.79 12.62
C LEU A 18 14.95 6.04 12.80
N ALA A 19 14.54 5.89 14.04
CA ALA A 19 13.25 5.19 14.32
C ALA A 19 12.09 5.92 13.62
N LEU A 20 12.23 7.23 13.46
CA LEU A 20 11.18 8.04 12.75
C LEU A 20 11.04 7.54 11.32
N GLY A 21 12.15 7.21 10.69
CA GLY A 21 12.11 6.72 9.28
C GLY A 21 11.40 5.37 9.22
N VAL A 22 11.72 4.49 10.15
CA VAL A 22 11.08 3.14 10.18
C VAL A 22 9.57 3.31 10.36
N ALA A 23 9.18 4.22 11.21
CA ALA A 23 7.72 4.46 11.46
C ALA A 23 7.05 4.97 10.19
N LEU A 24 7.76 5.79 9.43
CA LEU A 24 7.20 6.33 8.15
C LEU A 24 6.87 5.17 7.22
N THR A 25 7.81 4.26 7.10
CA THR A 25 7.61 3.07 6.21
C THR A 25 6.43 2.25 6.72
N PHE A 26 6.31 2.13 8.03
CA PHE A 26 5.19 1.34 8.63
C PHE A 26 3.84 1.93 8.20
N ILE A 27 3.68 3.23 8.34
CA ILE A 27 2.39 3.88 7.96
C ILE A 27 2.19 3.77 6.44
N PHE A 28 3.25 4.00 5.69
CA PHE A 28 3.16 3.91 4.20
C PHE A 28 2.76 2.50 3.78
N ARG A 29 3.31 1.51 4.44
CA ARG A 29 2.99 0.09 4.11
C ARG A 29 1.51 -0.19 4.40
N LEU A 30 0.99 0.41 5.45
CA LEU A 30 -0.44 0.20 5.83
C LEU A 30 -1.34 0.59 4.66
N ARG A 31 -1.03 1.69 4.04
CA ARG A 31 -1.86 2.17 2.87
C ARG A 31 -1.22 1.76 1.53
N LYS A 32 -0.24 0.87 1.57
CA LYS A 32 0.41 0.41 0.30
C LYS A 32 0.50 -1.11 0.30
N GLY A 33 -0.05 -1.72 -0.72
CA GLY A 33 -0.02 -3.21 -0.85
C GLY A 33 -1.27 -3.81 -0.22
N ARG A 34 -2.42 -3.36 -0.65
CA ARG A 34 -3.71 -3.88 -0.11
C ARG A 34 -4.84 -3.44 -1.02
N LEU A 35 -4.90 -2.15 -1.27
CA LEU A 35 -5.96 -1.58 -2.16
C LEU A 35 -5.62 -1.86 -3.64
N LEU A 36 -4.35 -2.12 -3.93
CA LEU A 36 -3.93 -2.40 -5.33
C LEU A 36 -4.27 -3.86 -5.68
N ASP A 37 -5.53 -4.20 -5.54
CA ASP A 37 -6.00 -5.59 -5.86
C ASP A 37 -7.53 -5.67 -5.69
N VAL A 38 -8.02 -5.33 -4.51
CA VAL A 38 -9.49 -5.38 -4.26
C VAL A 38 -10.18 -4.29 -5.09
N LYS A 39 -11.38 -4.58 -5.53
CA LYS A 39 -12.14 -3.59 -6.36
C LYS A 39 -13.56 -4.13 -6.62
N LYS A 40 -14.36 -3.34 -7.29
CA LYS A 40 -15.77 -3.76 -7.62
C LYS A 40 -16.56 -3.98 -6.33
N SER A 41 -17.85 -3.77 -6.40
CA SER A 41 -18.73 -3.96 -5.21
C SER A 41 -20.04 -4.61 -5.64
N GLY A 42 -20.62 -4.11 -6.72
CA GLY A 42 -21.89 -4.69 -7.24
C GLY A 42 -22.71 -3.59 -7.91
N ILE A 43 -22.20 -3.07 -9.02
CA ILE A 43 -22.91 -1.99 -9.77
C ILE A 43 -22.13 -1.67 -11.05
N GLN A 44 -22.38 -2.45 -12.08
CA GLN A 44 -21.68 -2.23 -13.38
C GLN A 44 -22.01 -0.84 -13.91
N ASP A 45 -23.28 -0.60 -14.17
CA ASP A 45 -23.72 0.73 -14.70
C ASP A 45 -25.24 0.74 -14.81
N THR A 46 -25.77 -0.17 -15.59
CA THR A 46 -27.26 -0.25 -15.77
C THR A 46 -27.65 -1.70 -16.08
N ASN A 47 -26.89 -2.34 -16.93
CA ASN A 47 -27.17 -3.75 -17.30
C ASN A 47 -27.00 -4.65 -16.08
N SER A 48 -28.04 -5.37 -15.72
CA SER A 48 -27.98 -6.28 -14.54
C SER A 48 -28.82 -7.52 -14.81
N LYS A 49 -30.03 -7.31 -15.29
CA LYS A 49 -30.94 -8.45 -15.60
C LYS A 49 -31.00 -8.65 -17.11
N LYS A 50 -31.31 -9.87 -17.52
CA LYS A 50 -31.41 -10.18 -18.99
C LYS A 50 -32.88 -10.29 -19.38
N GLN A 51 -33.11 -10.44 -20.67
CA GLN A 51 -34.52 -10.55 -21.18
C GLN A 51 -34.64 -11.79 -22.05
N SER A 52 -35.82 -12.37 -22.08
CA SER A 52 -36.06 -13.60 -22.90
C SER A 52 -36.22 -13.18 -24.37
N ASP A 53 -36.29 -14.17 -25.24
CA ASP A 53 -36.45 -13.89 -26.70
C ASP A 53 -37.91 -13.55 -26.98
N THR A 54 -38.16 -12.31 -27.32
CA THR A 54 -39.56 -11.86 -27.63
C THR A 54 -39.61 -11.27 -29.03
N HIS A 55 -40.34 -11.93 -29.91
CA HIS A 55 -40.46 -11.44 -31.32
C HIS A 55 -41.92 -11.15 -31.63
N LEU A 56 -42.21 -9.90 -31.93
CA LEU A 56 -43.62 -9.49 -32.25
C LEU A 56 -43.64 -8.78 -33.59
N GLU A 57 -44.54 -9.17 -34.46
CA GLU A 57 -44.66 -8.54 -35.80
C GLU A 57 -45.74 -7.47 -35.76
N GLU A 58 -45.42 -6.30 -36.28
CA GLU A 58 -46.40 -5.17 -36.30
C GLU A 58 -46.51 -4.61 -37.71
N THR A 59 -47.73 -4.31 -38.11
CA THR A 59 -47.98 -3.76 -39.50
C THR A 59 -47.56 -4.80 -40.54
N ALA A 1 25.39 19.04 37.31
CA ALA A 1 26.42 18.77 36.26
C ALA A 1 27.08 20.09 35.87
N HIS A 2 28.40 20.06 35.76
CA HIS A 2 29.16 21.30 35.37
C HIS A 2 29.14 21.43 33.83
N PRO A 3 29.64 20.44 33.06
CA PRO A 3 29.62 20.57 31.57
C PRO A 3 28.19 20.58 31.00
N PRO A 4 27.94 21.14 29.80
CA PRO A 4 26.56 21.16 29.23
C PRO A 4 26.12 19.78 28.76
N ASN A 5 27.07 19.01 28.23
CA ASN A 5 26.77 17.64 27.72
C ASN A 5 25.81 17.76 26.52
N GLU A 6 26.00 18.81 25.74
CA GLU A 6 25.11 19.03 24.55
C GLU A 6 25.24 17.87 23.56
N ARG A 7 26.30 17.09 23.66
CA ARG A 7 26.51 15.93 22.73
C ARG A 7 25.39 14.89 22.94
N THR A 8 24.89 14.76 24.16
CA THR A 8 23.79 13.77 24.41
C THR A 8 22.57 14.11 23.56
N HIS A 9 22.31 15.39 23.38
CA HIS A 9 21.13 15.83 22.57
C HIS A 9 21.29 15.32 21.13
N LEU A 10 22.49 15.38 20.61
CA LEU A 10 22.73 14.92 19.20
C LEU A 10 22.52 13.41 19.08
N VAL A 11 23.00 12.66 20.06
CA VAL A 11 22.85 11.17 20.02
C VAL A 11 21.37 10.79 20.23
N ILE A 12 20.73 11.42 21.18
CA ILE A 12 19.29 11.11 21.47
C ILE A 12 18.43 11.50 20.26
N LEU A 13 18.67 12.67 19.71
CA LEU A 13 17.88 13.14 18.52
C LEU A 13 18.18 12.24 17.31
N GLY A 14 19.41 11.79 17.19
CA GLY A 14 19.80 10.92 16.05
C GLY A 14 18.98 9.62 16.06
N ALA A 15 19.04 8.90 17.15
CA ALA A 15 18.29 7.61 17.26
C ALA A 15 16.80 7.85 17.03
N ILE A 16 16.29 8.91 17.60
CA ILE A 16 14.84 9.26 17.44
C ILE A 16 14.53 9.56 15.97
N LEU A 17 15.42 10.29 15.32
CA LEU A 17 15.19 10.65 13.88
C LEU A 17 15.19 9.39 13.01
N LEU A 18 16.12 8.48 13.26
CA LEU A 18 16.18 7.21 12.46
C LEU A 18 14.89 6.42 12.70
N ALA A 19 14.53 6.26 13.96
CA ALA A 19 13.28 5.52 14.29
C ALA A 19 12.08 6.22 13.63
N LEU A 20 12.18 7.52 13.45
CA LEU A 20 11.07 8.30 12.79
C LEU A 20 10.90 7.79 11.35
N GLY A 21 12.00 7.51 10.68
CA GLY A 21 11.93 7.00 9.27
C GLY A 21 11.29 5.62 9.25
N VAL A 22 11.68 4.76 10.17
CA VAL A 22 11.10 3.38 10.22
C VAL A 22 9.60 3.47 10.47
N ALA A 23 9.20 4.36 11.36
CA ALA A 23 7.74 4.51 11.69
C ALA A 23 6.99 5.01 10.45
N LEU A 24 7.58 5.91 9.71
CA LEU A 24 6.92 6.45 8.48
C LEU A 24 6.74 5.32 7.47
N THR A 25 7.78 4.55 7.29
CA THR A 25 7.74 3.41 6.33
C THR A 25 6.67 2.40 6.76
N PHE A 26 6.58 2.18 8.06
CA PHE A 26 5.58 1.20 8.60
C PHE A 26 4.17 1.68 8.23
N ILE A 27 3.89 2.94 8.45
CA ILE A 27 2.53 3.50 8.12
C ILE A 27 2.30 3.42 6.62
N PHE A 28 3.33 3.68 5.84
CA PHE A 28 3.21 3.64 4.35
C PHE A 28 2.75 2.25 3.92
N ARG A 29 3.31 1.23 4.52
CA ARG A 29 2.93 -0.18 4.16
C ARG A 29 1.48 -0.44 4.56
N LEU A 30 1.08 0.07 5.71
CA LEU A 30 -0.32 -0.13 6.19
C LEU A 30 -1.30 0.40 5.15
N ARG A 31 -1.02 1.58 4.64
CA ARG A 31 -1.89 2.20 3.60
C ARG A 31 -1.55 1.69 2.20
N LYS A 32 -0.75 0.64 2.12
CA LYS A 32 -0.36 0.07 0.79
C LYS A 32 -1.48 -0.85 0.27
N GLY A 33 -2.67 -0.29 0.19
CA GLY A 33 -3.85 -1.07 -0.30
C GLY A 33 -4.42 -0.37 -1.54
N ARG A 34 -3.55 0.11 -2.39
CA ARG A 34 -4.00 0.81 -3.64
C ARG A 34 -3.86 -0.14 -4.82
N LEU A 35 -2.70 -0.77 -4.92
CA LEU A 35 -2.46 -1.73 -6.05
C LEU A 35 -3.19 -3.06 -5.81
N LEU A 36 -3.46 -3.37 -4.55
CA LEU A 36 -4.17 -4.66 -4.20
C LEU A 36 -5.33 -4.96 -5.17
N ASP A 37 -6.07 -3.95 -5.61
CA ASP A 37 -7.20 -4.18 -6.58
C ASP A 37 -7.95 -2.87 -6.76
N VAL A 38 -7.66 -2.18 -7.83
CA VAL A 38 -8.34 -0.88 -8.12
C VAL A 38 -8.58 -0.74 -9.62
N LYS A 39 -9.63 -1.35 -10.10
CA LYS A 39 -9.99 -1.30 -11.55
C LYS A 39 -11.42 -1.78 -11.76
N LYS A 40 -11.85 -2.75 -10.98
CA LYS A 40 -13.24 -3.32 -11.10
C LYS A 40 -13.40 -3.96 -12.47
N SER A 41 -14.24 -4.97 -12.55
CA SER A 41 -14.48 -5.67 -13.84
C SER A 41 -15.94 -6.11 -13.92
N GLY A 42 -16.35 -6.98 -13.03
CA GLY A 42 -17.76 -7.47 -13.01
C GLY A 42 -18.14 -7.99 -14.40
N ILE A 43 -17.44 -9.00 -14.86
CA ILE A 43 -17.72 -9.59 -16.21
C ILE A 43 -19.09 -10.29 -16.20
N GLN A 44 -19.46 -10.85 -15.06
CA GLN A 44 -20.78 -11.56 -14.92
C GLN A 44 -20.76 -12.85 -15.77
N ASP A 45 -20.85 -12.71 -17.07
CA ASP A 45 -20.84 -13.90 -17.98
C ASP A 45 -19.45 -14.51 -18.01
N THR A 46 -19.37 -15.80 -18.26
CA THR A 46 -18.05 -16.50 -18.31
C THR A 46 -17.93 -17.23 -19.64
N ASN A 47 -16.84 -17.01 -20.33
CA ASN A 47 -16.62 -17.67 -21.66
C ASN A 47 -15.17 -18.17 -21.74
N SER A 48 -15.03 -19.46 -21.93
CA SER A 48 -13.65 -20.06 -22.03
C SER A 48 -13.70 -21.25 -22.99
N LYS A 49 -14.64 -22.13 -22.76
CA LYS A 49 -14.79 -23.33 -23.64
C LYS A 49 -15.97 -23.12 -24.57
N LYS A 50 -17.08 -22.69 -24.01
CA LYS A 50 -18.31 -22.44 -24.83
C LYS A 50 -18.70 -23.72 -25.57
N GLN A 51 -19.56 -24.50 -24.97
CA GLN A 51 -20.00 -25.79 -25.60
C GLN A 51 -21.39 -25.58 -26.23
N SER A 52 -21.65 -26.31 -27.28
CA SER A 52 -22.96 -26.20 -28.00
C SER A 52 -24.07 -26.69 -27.08
N ASP A 53 -25.29 -26.31 -27.40
CA ASP A 53 -26.47 -26.73 -26.58
C ASP A 53 -27.69 -26.89 -27.49
N THR A 54 -27.82 -25.99 -28.45
CA THR A 54 -28.98 -26.05 -29.40
C THR A 54 -29.05 -27.42 -30.09
N HIS A 55 -27.92 -28.11 -30.16
CA HIS A 55 -27.88 -29.44 -30.82
C HIS A 55 -28.87 -30.38 -30.14
N LEU A 56 -28.83 -30.40 -28.82
CA LEU A 56 -29.77 -31.28 -28.04
C LEU A 56 -29.66 -32.73 -28.54
N GLU A 57 -28.84 -33.51 -27.86
CA GLU A 57 -28.67 -34.95 -28.25
C GLU A 57 -27.81 -35.65 -27.20
N GLU A 58 -26.67 -35.06 -26.90
CA GLU A 58 -25.75 -35.66 -25.88
C GLU A 58 -26.22 -35.25 -24.48
N THR A 59 -27.00 -36.10 -23.86
CA THR A 59 -27.52 -35.81 -22.49
C THR A 59 -27.06 -36.90 -21.54
N ALA A 1 34.56 27.39 25.11
CA ALA A 1 33.29 26.74 25.54
C ALA A 1 33.61 25.51 26.37
N HIS A 2 32.63 25.01 27.09
CA HIS A 2 32.83 23.81 27.95
C HIS A 2 31.51 23.00 28.00
N PRO A 3 31.20 22.17 26.97
CA PRO A 3 29.94 21.37 26.98
C PRO A 3 29.98 20.23 28.03
N PRO A 4 29.17 20.26 29.12
CA PRO A 4 29.22 19.16 30.13
C PRO A 4 28.94 17.80 29.50
N ASN A 5 27.80 17.68 28.85
CA ASN A 5 27.41 16.39 28.21
C ASN A 5 26.34 16.64 27.13
N GLU A 6 26.48 17.75 26.42
CA GLU A 6 25.47 18.09 25.35
C GLU A 6 25.59 17.10 24.17
N ARG A 7 26.68 16.35 24.11
CA ARG A 7 26.88 15.37 23.00
C ARG A 7 25.73 14.34 23.03
N THR A 8 25.23 14.00 24.21
CA THR A 8 24.12 13.00 24.30
C THR A 8 22.89 13.53 23.57
N HIS A 9 22.64 14.83 23.68
CA HIS A 9 21.45 15.44 23.00
C HIS A 9 21.58 15.24 21.49
N LEU A 10 22.79 15.32 20.96
CA LEU A 10 23.00 15.16 19.49
C LEU A 10 22.71 13.72 19.07
N VAL A 11 23.15 12.76 19.85
CA VAL A 11 22.93 11.32 19.51
C VAL A 11 21.45 10.95 19.70
N ILE A 12 20.86 11.40 20.79
CA ILE A 12 19.43 11.08 21.09
C ILE A 12 18.51 11.78 20.08
N LEU A 13 18.76 13.04 19.79
CA LEU A 13 17.88 13.77 18.82
C LEU A 13 17.94 13.07 17.46
N GLY A 14 19.12 12.68 17.06
CA GLY A 14 19.29 11.99 15.75
C GLY A 14 18.48 10.69 15.76
N ALA A 15 18.53 9.97 16.87
CA ALA A 15 17.76 8.68 16.97
C ALA A 15 16.29 8.95 16.72
N ILE A 16 15.79 10.06 17.23
CA ILE A 16 14.34 10.40 17.02
C ILE A 16 14.10 10.57 15.53
N LEU A 17 15.00 11.29 14.87
CA LEU A 17 14.87 11.53 13.40
C LEU A 17 14.84 10.20 12.63
N LEU A 18 15.77 9.31 12.95
CA LEU A 18 15.85 7.99 12.23
C LEU A 18 14.61 7.16 12.55
N ALA A 19 14.26 7.09 13.82
CA ALA A 19 13.06 6.28 14.24
C ALA A 19 11.81 6.85 13.55
N LEU A 20 11.77 8.16 13.37
CA LEU A 20 10.60 8.80 12.70
C LEU A 20 10.47 8.25 11.27
N GLY A 21 11.60 8.08 10.61
CA GLY A 21 11.60 7.52 9.22
C GLY A 21 11.04 6.11 9.22
N VAL A 22 11.44 5.32 10.19
CA VAL A 22 10.96 3.90 10.28
C VAL A 22 9.44 3.91 10.46
N ALA A 23 8.92 4.84 11.23
CA ALA A 23 7.44 4.91 11.45
C ALA A 23 6.73 5.09 10.11
N LEU A 24 7.31 5.89 9.23
CA LEU A 24 6.68 6.12 7.90
C LEU A 24 6.63 4.79 7.14
N THR A 25 7.75 4.10 7.13
CA THR A 25 7.84 2.78 6.43
C THR A 25 6.84 1.80 7.06
N PHE A 26 6.73 1.85 8.38
CA PHE A 26 5.79 0.93 9.10
C PHE A 26 4.36 1.16 8.58
N ILE A 27 3.95 2.40 8.49
CA ILE A 27 2.57 2.72 7.99
C ILE A 27 2.46 2.32 6.52
N PHE A 28 3.49 2.60 5.75
CA PHE A 28 3.49 2.27 4.29
C PHE A 28 3.27 0.77 4.10
N ARG A 29 3.84 -0.04 4.97
CA ARG A 29 3.70 -1.53 4.85
C ARG A 29 2.24 -1.94 5.10
N LEU A 30 1.65 -1.40 6.14
CA LEU A 30 0.23 -1.76 6.47
C LEU A 30 -0.71 -1.19 5.39
N ARG A 31 -0.42 0.01 4.96
CA ARG A 31 -1.28 0.68 3.93
C ARG A 31 -1.12 -0.02 2.58
N LYS A 32 0.10 -0.42 2.26
CA LYS A 32 0.37 -1.09 0.95
C LYS A 32 1.27 -2.30 1.19
N GLY A 33 0.95 -3.39 0.52
CA GLY A 33 1.76 -4.64 0.66
C GLY A 33 1.07 -5.79 -0.08
N ARG A 34 -0.18 -6.01 0.24
CA ARG A 34 -0.96 -7.12 -0.42
C ARG A 34 -1.20 -6.81 -1.90
N LEU A 35 -1.27 -5.53 -2.24
CA LEU A 35 -1.52 -5.14 -3.67
C LEU A 35 -0.42 -5.72 -4.55
N LEU A 36 0.82 -5.46 -4.18
CA LEU A 36 1.97 -6.00 -4.97
C LEU A 36 2.47 -7.28 -4.31
N ASP A 37 1.72 -8.34 -4.49
CA ASP A 37 2.08 -9.67 -3.90
C ASP A 37 1.08 -10.73 -4.35
N VAL A 38 -0.21 -10.49 -4.12
CA VAL A 38 -1.25 -11.48 -4.53
C VAL A 38 -1.21 -11.66 -6.04
N LYS A 39 -0.78 -12.83 -6.47
CA LYS A 39 -0.68 -13.13 -7.94
C LYS A 39 -2.05 -13.57 -8.47
N LYS A 40 -2.83 -14.23 -7.64
CA LYS A 40 -4.18 -14.72 -8.07
C LYS A 40 -4.01 -15.65 -9.28
N SER A 41 -4.04 -16.94 -9.01
CA SER A 41 -3.87 -17.94 -10.10
C SER A 41 -5.02 -17.80 -11.10
N GLY A 42 -4.85 -18.41 -12.26
CA GLY A 42 -5.91 -18.34 -13.31
C GLY A 42 -5.29 -18.73 -14.66
N ILE A 43 -5.65 -19.90 -15.14
CA ILE A 43 -5.12 -20.39 -16.45
C ILE A 43 -5.98 -19.90 -17.62
N GLN A 44 -6.73 -18.84 -17.41
CA GLN A 44 -7.61 -18.27 -18.49
C GLN A 44 -8.53 -19.37 -19.02
N ASP A 45 -9.74 -19.40 -18.49
CA ASP A 45 -10.73 -20.43 -18.93
C ASP A 45 -11.42 -19.95 -20.21
N THR A 46 -10.86 -20.33 -21.34
CA THR A 46 -11.43 -19.92 -22.65
C THR A 46 -11.62 -21.15 -23.52
N ASN A 47 -12.80 -21.29 -24.09
CA ASN A 47 -13.10 -22.47 -24.97
C ASN A 47 -12.95 -22.06 -26.42
N SER A 48 -12.42 -22.96 -27.22
CA SER A 48 -12.23 -22.65 -28.69
C SER A 48 -12.50 -23.92 -29.49
N LYS A 49 -12.93 -23.73 -30.72
CA LYS A 49 -13.23 -24.88 -31.66
C LYS A 49 -13.92 -26.03 -30.91
N LYS A 50 -14.73 -25.70 -29.93
CA LYS A 50 -15.45 -26.74 -29.14
C LYS A 50 -14.45 -27.70 -28.52
N GLN A 51 -14.93 -28.62 -27.72
CA GLN A 51 -14.03 -29.61 -27.05
C GLN A 51 -14.76 -30.94 -26.89
N SER A 52 -14.00 -32.00 -26.66
CA SER A 52 -14.61 -33.35 -26.48
C SER A 52 -15.47 -33.70 -27.70
N ASP A 53 -14.86 -34.35 -28.67
CA ASP A 53 -15.62 -34.74 -29.90
C ASP A 53 -15.55 -36.24 -30.07
N THR A 54 -16.62 -36.92 -29.73
CA THR A 54 -16.67 -38.41 -29.84
C THR A 54 -18.10 -38.90 -29.60
N HIS A 55 -19.05 -38.21 -30.19
CA HIS A 55 -20.49 -38.57 -30.02
C HIS A 55 -20.77 -39.87 -30.78
N LEU A 56 -21.60 -40.71 -30.21
CA LEU A 56 -21.96 -42.01 -30.87
C LEU A 56 -23.42 -41.97 -31.34
N GLU A 57 -24.25 -41.17 -30.69
CA GLU A 57 -25.68 -41.07 -31.07
C GLU A 57 -25.94 -39.81 -31.92
N GLU A 58 -25.06 -38.83 -31.81
CA GLU A 58 -25.19 -37.56 -32.60
C GLU A 58 -26.48 -36.85 -32.20
N THR A 59 -26.34 -35.66 -31.64
CA THR A 59 -27.53 -34.86 -31.21
C THR A 59 -28.30 -35.63 -30.13
N ALA A 1 31.72 27.76 27.39
CA ALA A 1 31.07 28.33 28.60
C ALA A 1 30.36 27.22 29.37
N HIS A 2 29.54 26.47 28.66
CA HIS A 2 28.78 25.35 29.31
C HIS A 2 29.56 24.04 29.12
N PRO A 3 29.37 23.03 29.97
CA PRO A 3 30.12 21.74 29.81
C PRO A 3 30.01 21.18 28.36
N PRO A 4 31.01 20.42 27.86
CA PRO A 4 30.94 19.87 26.48
C PRO A 4 30.06 18.62 26.38
N ASN A 5 28.90 18.66 27.02
CA ASN A 5 27.97 17.49 26.98
C ASN A 5 26.79 17.78 26.04
N GLU A 6 27.01 18.61 25.03
CA GLU A 6 25.92 18.95 24.07
C GLU A 6 25.78 17.83 23.00
N ARG A 7 26.80 17.01 22.85
CA ARG A 7 26.76 15.91 21.84
C ARG A 7 25.66 14.90 22.23
N THR A 8 25.44 14.68 23.51
CA THR A 8 24.39 13.70 23.94
C THR A 8 23.05 14.05 23.30
N HIS A 9 22.70 15.32 23.32
CA HIS A 9 21.40 15.76 22.72
C HIS A 9 21.29 15.29 21.27
N LEU A 10 22.37 15.36 20.53
CA LEU A 10 22.35 14.93 19.10
C LEU A 10 22.13 13.41 18.99
N VAL A 11 22.76 12.66 19.86
CA VAL A 11 22.64 11.16 19.82
C VAL A 11 21.21 10.76 20.22
N ILE A 12 20.67 11.35 21.26
CA ILE A 12 19.29 11.00 21.71
C ILE A 12 18.30 11.45 20.61
N LEU A 13 18.43 12.67 20.15
CA LEU A 13 17.53 13.18 19.07
C LEU A 13 17.70 12.31 17.82
N GLY A 14 18.91 11.91 17.54
CA GLY A 14 19.18 11.05 16.34
C GLY A 14 18.37 9.77 16.42
N ALA A 15 18.69 8.91 17.38
CA ALA A 15 17.95 7.61 17.54
C ALA A 15 16.44 7.84 17.50
N ILE A 16 15.97 8.83 18.23
CA ILE A 16 14.51 9.14 18.25
C ILE A 16 14.07 9.48 16.81
N LEU A 17 14.89 10.24 16.12
CA LEU A 17 14.56 10.62 14.71
C LEU A 17 14.49 9.36 13.84
N LEU A 18 15.40 8.42 14.07
CA LEU A 18 15.39 7.15 13.25
C LEU A 18 14.04 6.48 13.38
N ALA A 19 13.61 6.26 14.61
CA ALA A 19 12.30 5.60 14.86
C ALA A 19 11.19 6.39 14.15
N LEU A 20 11.34 7.70 14.07
CA LEU A 20 10.33 8.57 13.38
C LEU A 20 10.27 8.18 11.90
N GLY A 21 11.44 7.96 11.31
CA GLY A 21 11.49 7.57 9.86
C GLY A 21 10.98 6.15 9.67
N VAL A 22 11.43 5.24 10.51
CA VAL A 22 10.99 3.82 10.41
C VAL A 22 9.47 3.74 10.53
N ALA A 23 8.90 4.55 11.42
CA ALA A 23 7.42 4.55 11.60
C ALA A 23 6.75 4.99 10.31
N LEU A 24 7.29 6.01 9.67
CA LEU A 24 6.70 6.52 8.40
C LEU A 24 6.79 5.42 7.34
N THR A 25 7.96 4.82 7.24
CA THR A 25 8.19 3.72 6.24
C THR A 25 7.23 2.57 6.53
N PHE A 26 7.02 2.30 7.80
CA PHE A 26 6.12 1.19 8.21
C PHE A 26 4.72 1.43 7.64
N ILE A 27 4.24 2.65 7.74
CA ILE A 27 2.88 2.99 7.22
C ILE A 27 2.88 2.86 5.69
N PHE A 28 3.92 3.36 5.04
CA PHE A 28 3.99 3.28 3.55
C PHE A 28 3.83 1.83 3.08
N ARG A 29 4.24 0.91 3.90
CA ARG A 29 4.16 -0.54 3.53
C ARG A 29 2.77 -1.12 3.84
N LEU A 30 2.30 -0.93 5.06
CA LEU A 30 0.97 -1.51 5.47
C LEU A 30 -0.21 -0.57 5.13
N ARG A 31 0.07 0.58 4.55
CA ARG A 31 -1.05 1.53 4.19
C ARG A 31 -2.04 0.84 3.25
N LYS A 32 -1.53 -0.01 2.37
CA LYS A 32 -2.42 -0.74 1.41
C LYS A 32 -1.97 -2.19 1.32
N GLY A 33 -1.65 -2.77 2.45
CA GLY A 33 -1.19 -4.19 2.50
C GLY A 33 -1.95 -4.93 3.59
N ARG A 34 -3.27 -4.88 3.52
CA ARG A 34 -4.12 -5.57 4.53
C ARG A 34 -5.12 -6.49 3.82
N LEU A 35 -5.71 -5.99 2.76
CA LEU A 35 -6.71 -6.80 1.99
C LEU A 35 -6.10 -7.24 0.65
N LEU A 36 -4.83 -7.57 0.67
CA LEU A 36 -4.12 -8.02 -0.58
C LEU A 36 -4.96 -9.01 -1.41
N ASP A 37 -5.61 -9.97 -0.76
CA ASP A 37 -6.44 -10.96 -1.53
C ASP A 37 -7.86 -11.05 -0.93
N VAL A 38 -8.33 -9.96 -0.37
CA VAL A 38 -9.70 -9.93 0.25
C VAL A 38 -10.61 -9.06 -0.62
N LYS A 39 -11.33 -9.72 -1.49
CA LYS A 39 -12.27 -8.98 -2.40
C LYS A 39 -13.64 -9.67 -2.39
N LYS A 40 -14.68 -8.90 -2.54
CA LYS A 40 -16.07 -9.45 -2.54
C LYS A 40 -16.31 -10.19 -3.86
N SER A 41 -16.55 -11.48 -3.77
CA SER A 41 -16.80 -12.30 -5.00
C SER A 41 -18.04 -13.15 -4.80
N GLY A 42 -18.59 -13.66 -5.88
CA GLY A 42 -19.82 -14.51 -5.81
C GLY A 42 -20.47 -14.60 -7.18
N ILE A 43 -20.70 -13.44 -7.78
CA ILE A 43 -21.34 -13.41 -9.14
C ILE A 43 -20.22 -13.26 -10.20
N GLN A 44 -19.41 -14.27 -10.31
CA GLN A 44 -18.28 -14.26 -11.30
C GLN A 44 -18.83 -13.95 -12.69
N ASP A 45 -17.95 -13.87 -13.67
CA ASP A 45 -18.37 -13.57 -15.07
C ASP A 45 -19.35 -14.64 -15.54
N THR A 46 -20.40 -14.21 -16.21
CA THR A 46 -21.42 -15.18 -16.72
C THR A 46 -22.43 -14.42 -17.59
N ASN A 47 -22.46 -14.73 -18.87
CA ASN A 47 -23.40 -14.04 -19.79
C ASN A 47 -23.73 -14.96 -20.96
N SER A 48 -24.64 -14.54 -21.81
CA SER A 48 -25.05 -15.35 -22.99
C SER A 48 -25.45 -16.77 -22.56
N LYS A 49 -25.80 -16.93 -21.29
CA LYS A 49 -26.23 -18.27 -20.75
C LYS A 49 -25.06 -19.27 -20.86
N LYS A 50 -24.85 -19.85 -22.03
CA LYS A 50 -23.74 -20.84 -22.21
C LYS A 50 -23.17 -20.68 -23.62
N GLN A 51 -21.94 -21.13 -23.80
CA GLN A 51 -21.28 -21.03 -25.14
C GLN A 51 -22.13 -21.78 -26.18
N SER A 52 -22.33 -21.15 -27.31
CA SER A 52 -23.14 -21.79 -28.40
C SER A 52 -22.37 -22.98 -28.97
N ASP A 53 -23.10 -23.97 -29.43
CA ASP A 53 -22.47 -25.19 -30.02
C ASP A 53 -22.14 -24.92 -31.48
N THR A 54 -21.42 -25.83 -32.08
CA THR A 54 -21.03 -25.68 -33.52
C THR A 54 -22.28 -25.85 -34.40
N HIS A 55 -22.37 -25.04 -35.43
CA HIS A 55 -23.55 -25.12 -36.35
C HIS A 55 -23.29 -26.21 -37.39
N LEU A 56 -24.32 -26.95 -37.72
CA LEU A 56 -24.20 -28.05 -38.72
C LEU A 56 -24.53 -27.50 -40.10
N GLU A 57 -23.69 -27.79 -41.07
CA GLU A 57 -23.93 -27.30 -42.47
C GLU A 57 -23.60 -28.41 -43.45
N GLU A 58 -24.15 -28.32 -44.65
CA GLU A 58 -23.90 -29.36 -45.69
C GLU A 58 -24.31 -30.73 -45.16
N THR A 59 -25.51 -31.14 -45.50
CA THR A 59 -26.03 -32.46 -45.04
C THR A 59 -25.12 -33.57 -45.54
N ALA A 1 36.92 18.19 31.14
CA ALA A 1 37.13 17.86 29.70
C ALA A 1 35.83 18.12 28.93
N HIS A 2 35.90 19.07 28.01
CA HIS A 2 34.69 19.41 27.19
C HIS A 2 33.53 19.81 28.14
N PRO A 3 33.47 21.06 28.63
CA PRO A 3 32.36 21.47 29.54
C PRO A 3 30.96 21.25 28.92
N PRO A 4 30.67 21.74 27.71
CA PRO A 4 29.32 21.53 27.10
C PRO A 4 28.94 20.05 27.02
N ASN A 5 27.71 19.74 27.33
CA ASN A 5 27.23 18.31 27.28
C ASN A 5 26.12 18.16 26.22
N GLU A 6 26.16 19.01 25.20
CA GLU A 6 25.12 18.95 24.12
C GLU A 6 25.31 17.69 23.26
N ARG A 7 26.45 17.05 23.36
CA ARG A 7 26.71 15.81 22.55
C ARG A 7 25.63 14.76 22.88
N THR A 8 25.15 14.70 24.11
CA THR A 8 24.10 13.70 24.46
C THR A 8 22.85 13.98 23.65
N HIS A 9 22.51 15.25 23.49
CA HIS A 9 21.30 15.62 22.69
C HIS A 9 21.46 15.13 21.25
N LEU A 10 22.66 15.16 20.74
CA LEU A 10 22.91 14.72 19.33
C LEU A 10 22.71 13.20 19.20
N VAL A 11 23.18 12.45 20.17
CA VAL A 11 23.04 10.96 20.11
C VAL A 11 21.57 10.57 20.34
N ILE A 12 20.93 11.21 21.30
CA ILE A 12 19.49 10.89 21.63
C ILE A 12 18.57 11.33 20.47
N LEU A 13 18.77 12.52 19.96
CA LEU A 13 17.91 13.04 18.84
C LEU A 13 18.16 12.23 17.57
N GLY A 14 19.40 11.84 17.35
CA GLY A 14 19.75 11.05 16.12
C GLY A 14 18.99 9.72 16.11
N ALA A 15 19.12 8.96 17.17
CA ALA A 15 18.43 7.62 17.25
C ALA A 15 16.91 7.81 17.17
N ILE A 16 16.40 8.79 17.86
CA ILE A 16 14.93 9.05 17.87
C ILE A 16 14.47 9.46 16.46
N LEU A 17 15.25 10.27 15.79
CA LEU A 17 14.88 10.73 14.41
C LEU A 17 14.82 9.54 13.45
N LEU A 18 15.79 8.65 13.53
CA LEU A 18 15.81 7.46 12.61
C LEU A 18 14.60 6.58 12.87
N ALA A 19 14.28 6.35 14.13
CA ALA A 19 13.11 5.49 14.48
C ALA A 19 11.83 6.14 13.92
N LEU A 20 11.75 7.45 13.97
CA LEU A 20 10.55 8.18 13.43
C LEU A 20 10.43 7.88 11.94
N GLY A 21 11.54 7.84 11.24
CA GLY A 21 11.53 7.56 9.77
C GLY A 21 10.92 6.18 9.51
N VAL A 22 11.28 5.23 10.34
CA VAL A 22 10.74 3.84 10.18
C VAL A 22 9.21 3.87 10.31
N ALA A 23 8.72 4.67 11.24
CA ALA A 23 7.24 4.77 11.43
C ALA A 23 6.58 5.22 10.14
N LEU A 24 7.21 6.13 9.42
CA LEU A 24 6.63 6.62 8.14
C LEU A 24 6.53 5.44 7.17
N THR A 25 7.61 4.73 7.02
CA THR A 25 7.63 3.55 6.09
C THR A 25 6.64 2.49 6.61
N PHE A 26 6.45 2.43 7.91
CA PHE A 26 5.51 1.43 8.51
C PHE A 26 4.12 1.65 7.92
N ILE A 27 3.67 2.89 7.91
CA ILE A 27 2.30 3.19 7.35
C ILE A 27 2.33 2.88 5.85
N PHE A 28 3.36 3.33 5.17
CA PHE A 28 3.50 3.06 3.69
C PHE A 28 3.45 1.55 3.45
N ARG A 29 4.01 0.80 4.36
CA ARG A 29 4.04 -0.69 4.24
C ARG A 29 2.61 -1.23 4.24
N LEU A 30 1.76 -0.65 5.04
CA LEU A 30 0.33 -1.12 5.12
C LEU A 30 -0.31 -1.01 3.74
N ARG A 31 -0.05 0.08 3.06
CA ARG A 31 -0.63 0.31 1.69
C ARG A 31 -0.18 -0.81 0.75
N LYS A 32 1.02 -1.30 0.95
CA LYS A 32 1.57 -2.38 0.09
C LYS A 32 1.31 -3.73 0.79
N GLY A 33 1.28 -4.77 0.00
CA GLY A 33 1.05 -6.15 0.56
C GLY A 33 -0.45 -6.42 0.69
N ARG A 34 -1.27 -5.72 -0.05
CA ARG A 34 -2.75 -5.93 0.01
C ARG A 34 -3.16 -6.90 -1.09
N LEU A 35 -2.62 -6.70 -2.27
CA LEU A 35 -2.94 -7.59 -3.43
C LEU A 35 -2.08 -8.86 -3.40
N LEU A 36 -1.17 -8.98 -2.43
CA LEU A 36 -0.28 -10.19 -2.33
C LEU A 36 -1.03 -11.49 -2.64
N ASP A 37 -2.33 -11.55 -2.35
CA ASP A 37 -3.12 -12.79 -2.63
C ASP A 37 -4.57 -12.40 -2.89
N VAL A 38 -4.87 -12.16 -4.15
CA VAL A 38 -6.26 -11.78 -4.56
C VAL A 38 -6.52 -12.33 -5.97
N LYS A 39 -6.11 -13.56 -6.17
CA LYS A 39 -6.28 -14.22 -7.50
C LYS A 39 -7.44 -15.21 -7.42
N LYS A 40 -7.56 -16.08 -8.40
CA LYS A 40 -8.65 -17.11 -8.42
C LYS A 40 -10.00 -16.42 -8.57
N SER A 41 -10.82 -16.93 -9.46
CA SER A 41 -12.18 -16.33 -9.71
C SER A 41 -12.04 -14.84 -10.04
N GLY A 42 -10.97 -14.49 -10.74
CA GLY A 42 -10.73 -13.06 -11.12
C GLY A 42 -11.85 -12.60 -12.06
N ILE A 43 -12.26 -13.47 -12.95
CA ILE A 43 -13.35 -13.13 -13.93
C ILE A 43 -14.65 -13.87 -13.56
N GLN A 44 -14.81 -14.17 -12.28
CA GLN A 44 -16.03 -14.90 -11.79
C GLN A 44 -16.06 -16.32 -12.38
N ASP A 45 -16.46 -16.46 -13.63
CA ASP A 45 -16.51 -17.80 -14.29
C ASP A 45 -16.96 -17.63 -15.75
N THR A 46 -16.57 -18.56 -16.59
CA THR A 46 -16.95 -18.49 -18.03
C THR A 46 -16.79 -19.86 -18.66
N ASN A 47 -17.85 -20.64 -18.65
CA ASN A 47 -17.81 -22.01 -19.24
C ASN A 47 -18.35 -21.96 -20.67
N SER A 48 -19.59 -21.55 -20.81
CA SER A 48 -20.22 -21.44 -22.17
C SER A 48 -21.45 -20.56 -22.08
N LYS A 49 -21.74 -19.85 -23.15
CA LYS A 49 -22.93 -18.94 -23.16
C LYS A 49 -24.20 -19.79 -23.01
N LYS A 50 -24.27 -20.88 -23.73
CA LYS A 50 -25.45 -21.78 -23.66
C LYS A 50 -25.00 -23.23 -23.62
N GLN A 51 -24.16 -23.60 -24.57
CA GLN A 51 -23.64 -25.00 -24.64
C GLN A 51 -22.18 -24.98 -25.08
N SER A 52 -21.44 -26.00 -24.69
CA SER A 52 -20.00 -26.09 -25.05
C SER A 52 -19.85 -26.87 -26.36
N ASP A 53 -20.33 -28.10 -26.35
CA ASP A 53 -20.23 -28.96 -27.57
C ASP A 53 -21.28 -30.08 -27.47
N THR A 54 -21.50 -30.76 -28.58
CA THR A 54 -22.50 -31.86 -28.60
C THR A 54 -21.79 -33.17 -28.98
N HIS A 55 -22.01 -34.19 -28.19
CA HIS A 55 -21.38 -35.52 -28.47
C HIS A 55 -22.40 -36.62 -28.19
N LEU A 56 -22.83 -37.27 -29.24
CA LEU A 56 -23.83 -38.38 -29.10
C LEU A 56 -23.09 -39.71 -29.04
N GLU A 57 -23.38 -40.48 -28.00
CA GLU A 57 -22.71 -41.80 -27.83
C GLU A 57 -23.19 -42.76 -28.92
N GLU A 58 -24.48 -42.71 -29.22
CA GLU A 58 -25.05 -43.60 -30.29
C GLU A 58 -25.51 -42.75 -31.46
N THR A 59 -24.81 -42.86 -32.57
CA THR A 59 -25.17 -42.06 -33.78
C THR A 59 -25.72 -42.99 -34.85
N ALA A 1 35.75 24.97 21.67
CA ALA A 1 34.96 24.94 22.94
C ALA A 1 34.54 23.51 23.23
N HIS A 2 34.18 23.24 24.47
CA HIS A 2 33.75 21.87 24.87
C HIS A 2 32.53 21.98 25.83
N PRO A 3 31.28 22.02 25.33
CA PRO A 3 30.09 22.13 26.23
C PRO A 3 30.12 21.07 27.36
N PRO A 4 29.37 21.26 28.45
CA PRO A 4 29.38 20.25 29.56
C PRO A 4 29.07 18.83 29.06
N ASN A 5 27.98 18.70 28.34
CA ASN A 5 27.58 17.37 27.79
C ASN A 5 26.41 17.55 26.82
N GLU A 6 26.42 18.63 26.05
CA GLU A 6 25.31 18.88 25.08
C GLU A 6 25.32 17.84 23.95
N ARG A 7 26.43 17.15 23.77
CA ARG A 7 26.53 16.12 22.69
C ARG A 7 25.43 15.06 22.86
N THR A 8 24.99 14.82 24.09
CA THR A 8 23.92 13.80 24.32
C THR A 8 22.69 14.13 23.48
N HIS A 9 22.41 15.42 23.31
CA HIS A 9 21.24 15.85 22.49
C HIS A 9 21.38 15.32 21.06
N LEU A 10 22.60 15.35 20.54
CA LEU A 10 22.86 14.86 19.15
C LEU A 10 22.57 13.37 19.05
N VAL A 11 23.04 12.62 20.02
CA VAL A 11 22.84 11.13 20.00
C VAL A 11 21.36 10.79 20.22
N ILE A 12 20.73 11.46 21.16
CA ILE A 12 19.29 11.19 21.46
C ILE A 12 18.44 11.60 20.25
N LEU A 13 18.70 12.76 19.69
CA LEU A 13 17.91 13.23 18.50
C LEU A 13 18.16 12.29 17.32
N GLY A 14 19.40 11.85 17.17
CA GLY A 14 19.75 10.94 16.04
C GLY A 14 18.88 9.69 16.09
N ALA A 15 19.00 8.92 17.15
CA ALA A 15 18.20 7.65 17.28
C ALA A 15 16.71 7.94 17.09
N ILE A 16 16.23 8.97 17.74
CA ILE A 16 14.78 9.33 17.62
C ILE A 16 14.46 9.63 16.14
N LEU A 17 15.37 10.30 15.47
CA LEU A 17 15.16 10.65 14.03
C LEU A 17 15.03 9.36 13.20
N LEU A 18 15.85 8.35 13.50
CA LEU A 18 15.77 7.06 12.72
C LEU A 18 14.37 6.48 12.87
N ALA A 19 13.96 6.27 14.09
CA ALA A 19 12.60 5.70 14.35
C ALA A 19 11.53 6.53 13.65
N LEU A 20 11.78 7.82 13.46
CA LEU A 20 10.81 8.71 12.76
C LEU A 20 10.65 8.23 11.32
N GLY A 21 11.75 7.92 10.68
CA GLY A 21 11.71 7.45 9.26
C GLY A 21 11.10 6.05 9.19
N VAL A 22 11.56 5.17 10.06
CA VAL A 22 11.05 3.76 10.08
C VAL A 22 9.54 3.78 10.32
N ALA A 23 9.07 4.68 11.17
CA ALA A 23 7.62 4.77 11.48
C ALA A 23 6.84 5.15 10.22
N LEU A 24 7.39 6.05 9.43
CA LEU A 24 6.70 6.49 8.17
C LEU A 24 6.57 5.31 7.23
N THR A 25 7.66 4.60 7.05
CA THR A 25 7.67 3.41 6.14
C THR A 25 6.75 2.32 6.71
N PHE A 26 6.77 2.15 8.02
CA PHE A 26 5.92 1.12 8.67
C PHE A 26 4.45 1.35 8.30
N ILE A 27 3.99 2.57 8.43
CA ILE A 27 2.56 2.90 8.09
C ILE A 27 2.36 2.78 6.57
N PHE A 28 3.33 3.24 5.80
CA PHE A 28 3.23 3.18 4.31
C PHE A 28 2.94 1.75 3.87
N ARG A 29 3.62 0.80 4.46
CA ARG A 29 3.41 -0.64 4.09
C ARG A 29 2.08 -1.16 4.63
N LEU A 30 1.72 -0.74 5.83
CA LEU A 30 0.44 -1.20 6.46
C LEU A 30 -0.76 -0.84 5.59
N ARG A 31 -0.83 0.40 5.15
CA ARG A 31 -1.99 0.86 4.31
C ARG A 31 -2.05 0.04 3.01
N LYS A 32 -0.90 -0.36 2.50
CA LYS A 32 -0.84 -1.15 1.23
C LYS A 32 -1.46 -0.34 0.08
N GLY A 33 -0.63 0.07 -0.85
CA GLY A 33 -1.13 0.87 -2.02
C GLY A 33 -1.68 -0.05 -3.12
N ARG A 34 -1.92 -1.31 -2.79
CA ARG A 34 -2.46 -2.28 -3.80
C ARG A 34 -3.94 -2.51 -3.52
N LEU A 35 -4.24 -2.94 -2.33
CA LEU A 35 -5.66 -3.21 -1.93
C LEU A 35 -6.43 -1.88 -1.77
N LEU A 36 -5.71 -0.78 -1.61
CA LEU A 36 -6.36 0.57 -1.41
C LEU A 36 -7.59 0.76 -2.32
N ASP A 37 -7.61 0.14 -3.48
CA ASP A 37 -8.79 0.27 -4.40
C ASP A 37 -8.76 -0.85 -5.44
N VAL A 38 -9.48 -1.90 -5.16
CA VAL A 38 -9.53 -3.08 -6.09
C VAL A 38 -10.94 -3.20 -6.67
N LYS A 39 -11.94 -2.94 -5.86
CA LYS A 39 -13.36 -3.04 -6.34
C LYS A 39 -13.59 -2.02 -7.44
N LYS A 40 -14.15 -2.48 -8.54
CA LYS A 40 -14.44 -1.58 -9.70
C LYS A 40 -15.94 -1.26 -9.72
N SER A 41 -16.28 -0.12 -10.27
CA SER A 41 -17.72 0.29 -10.33
C SER A 41 -18.04 0.75 -11.76
N GLY A 42 -19.27 0.55 -12.18
CA GLY A 42 -19.69 0.95 -13.55
C GLY A 42 -20.94 0.18 -13.95
N ILE A 43 -22.07 0.85 -13.93
CA ILE A 43 -23.35 0.19 -14.31
C ILE A 43 -24.01 0.97 -15.47
N GLN A 44 -23.33 1.01 -16.58
CA GLN A 44 -23.85 1.74 -17.78
C GLN A 44 -24.50 0.74 -18.74
N ASP A 45 -23.85 -0.38 -18.92
CA ASP A 45 -24.40 -1.44 -19.84
C ASP A 45 -25.43 -2.28 -19.09
N THR A 46 -26.67 -2.16 -19.49
CA THR A 46 -27.76 -2.95 -18.83
C THR A 46 -27.50 -4.45 -19.02
N ASN A 47 -27.13 -4.81 -20.23
CA ASN A 47 -26.85 -6.25 -20.53
C ASN A 47 -28.08 -7.10 -20.21
N SER A 48 -29.26 -6.54 -20.44
CA SER A 48 -30.53 -7.27 -20.18
C SER A 48 -30.97 -8.01 -21.43
N LYS A 49 -30.89 -7.33 -22.56
CA LYS A 49 -31.29 -7.95 -23.86
C LYS A 49 -32.72 -8.48 -23.77
N LYS A 50 -33.67 -7.67 -24.16
CA LYS A 50 -35.11 -8.09 -24.10
C LYS A 50 -35.74 -7.89 -25.48
N GLN A 51 -35.78 -8.95 -26.25
CA GLN A 51 -36.36 -8.88 -27.63
C GLN A 51 -36.42 -10.28 -28.22
N SER A 52 -37.58 -10.91 -28.13
CA SER A 52 -37.75 -12.28 -28.67
C SER A 52 -37.79 -12.22 -30.20
N ASP A 53 -37.12 -13.15 -30.84
CA ASP A 53 -37.09 -13.18 -32.33
C ASP A 53 -37.34 -14.61 -32.81
N THR A 54 -38.44 -14.80 -33.51
CA THR A 54 -38.79 -16.15 -34.03
C THR A 54 -38.30 -16.29 -35.47
N HIS A 55 -38.36 -17.49 -35.99
CA HIS A 55 -37.90 -17.75 -37.40
C HIS A 55 -36.45 -17.35 -37.54
N LEU A 56 -35.84 -17.74 -38.65
CA LEU A 56 -34.41 -17.40 -38.90
C LEU A 56 -33.54 -17.95 -37.76
N GLU A 57 -32.24 -17.88 -37.93
CA GLU A 57 -31.30 -18.38 -36.88
C GLU A 57 -31.62 -19.84 -36.56
N GLU A 58 -30.91 -20.74 -37.21
CA GLU A 58 -31.13 -22.20 -36.98
C GLU A 58 -29.87 -22.97 -37.32
N THR A 59 -29.39 -22.79 -38.53
CA THR A 59 -28.14 -23.49 -38.98
C THR A 59 -27.33 -22.55 -39.86
#